data_4RPH
#
_entry.id   4RPH
#
_cell.length_a   171.730
_cell.length_b   99.470
_cell.length_c   100.240
_cell.angle_alpha   90.000
_cell.angle_beta   110.170
_cell.angle_gamma   90.000
#
_symmetry.space_group_name_H-M   'C 1 2 1'
#
loop_
_entity.id
_entity.type
_entity.pdbx_description
1 polymer 'UDP-galactopyranose mutase'
2 non-polymer 'FLAVIN-ADENINE DINUCLEOTIDE'
3 non-polymer "GALACTOSE-URIDINE-5'-DIPHOSPHATE"
4 water water
#
_entity_poly.entity_id   1
_entity_poly.type   'polypeptide(L)'
_entity_poly.pdbx_seq_one_letter_code
;MQPMTARFDLFVVGSGFFGLTIAERVATQLDKRVLVLERRPHIGGNAYSEAEPQTGIEVHKYGAHLFHTSNKRVWDYVRQ
FTDFTDYRHRVFAMHNGQAYQFPMGLGLVSQFFGKYFTPEQARQLIAEQAAEIDTADAQNLEEKAISLIGRPLYEAFVKG
YTAKQWQTDPKELPAANITRLPVRYTFDNRYFSDTYEGLPTDGYTAWLQNMAADHRIEVRLNTDWFDVRGQLRPGSPAAP
VVYTGPLDRYFDYAEGRLGWRTLDFEVEVLPIGDFQGTAVMNYNDLDVPYTRIHEFRHFHPERDYRTDKTVIMREYSRFA
EDDDEPYYPINTEADRALLATYRARAKSETASSKVLFGGRLGTYQYLDMHMAIASALNMYDNVLAPHLRDGVPLLQDGA
;
_entity_poly.pdbx_strand_id   B,A,C
#
# COMPACT_ATOMS: atom_id res chain seq x y z
N THR A 5 33.12 17.86 -46.06
CA THR A 5 32.47 18.15 -44.78
C THR A 5 31.42 17.10 -44.45
N ALA A 6 31.86 16.01 -43.82
CA ALA A 6 30.94 14.95 -43.41
C ALA A 6 30.31 15.27 -42.06
N ARG A 7 29.11 14.75 -41.83
CA ARG A 7 28.38 15.02 -40.61
C ARG A 7 29.01 14.31 -39.42
N PHE A 8 29.24 13.00 -39.56
CA PHE A 8 29.84 12.21 -38.49
C PHE A 8 31.11 11.49 -38.95
N ASP A 9 32.04 11.29 -38.03
CA ASP A 9 33.26 10.56 -38.35
C ASP A 9 33.11 9.07 -38.06
N LEU A 10 32.09 8.73 -37.29
CA LEU A 10 31.88 7.34 -36.88
C LEU A 10 30.42 7.03 -36.55
N PHE A 11 29.98 5.84 -36.93
CA PHE A 11 28.67 5.33 -36.56
C PHE A 11 28.81 4.17 -35.59
N VAL A 12 28.07 4.22 -34.48
CA VAL A 12 28.11 3.15 -33.50
C VAL A 12 26.71 2.61 -33.23
N VAL A 13 26.48 1.37 -33.61
CA VAL A 13 25.18 0.73 -33.41
C VAL A 13 25.14 0.00 -32.07
N GLY A 14 24.42 0.58 -31.11
CA GLY A 14 24.32 -0.01 -29.79
C GLY A 14 25.06 0.81 -28.75
N SER A 15 24.36 1.15 -27.68
CA SER A 15 24.94 1.97 -26.62
C SER A 15 25.29 1.14 -25.39
N GLY A 16 25.69 -0.10 -25.61
CA GLY A 16 26.16 -0.96 -24.53
C GLY A 16 27.56 -0.56 -24.12
N PHE A 17 28.19 -1.36 -23.27
CA PHE A 17 29.54 -1.05 -22.79
C PHE A 17 30.56 -1.05 -23.92
N PHE A 18 30.37 -1.93 -24.90
CA PHE A 18 31.26 -1.98 -26.04
C PHE A 18 31.13 -0.71 -26.87
N GLY A 19 29.89 -0.39 -27.25
CA GLY A 19 29.61 0.76 -28.08
C GLY A 19 30.04 2.08 -27.46
N LEU A 20 29.72 2.27 -26.18
CA LEU A 20 30.05 3.50 -25.49
C LEU A 20 31.56 3.65 -25.31
N THR A 21 32.24 2.52 -25.12
CA THR A 21 33.70 2.53 -24.98
C THR A 21 34.33 2.98 -26.30
N ILE A 22 33.83 2.44 -27.40
CA ILE A 22 34.29 2.83 -28.73
C ILE A 22 33.99 4.30 -28.98
N ALA A 23 32.76 4.71 -28.72
CA ALA A 23 32.33 6.09 -28.94
C ALA A 23 33.14 7.08 -28.11
N GLU A 24 33.41 6.73 -26.86
CA GLU A 24 34.14 7.62 -25.96
C GLU A 24 35.59 7.79 -26.39
N ARG A 25 36.24 6.69 -26.74
CA ARG A 25 37.64 6.72 -27.13
C ARG A 25 37.86 7.52 -28.43
N VAL A 26 37.02 7.28 -29.42
CA VAL A 26 37.14 7.94 -30.71
C VAL A 26 36.89 9.45 -30.58
N ALA A 27 35.89 9.81 -29.78
CA ALA A 27 35.53 11.22 -29.61
C ALA A 27 36.56 11.98 -28.79
N THR A 28 37.14 11.32 -27.80
CA THR A 28 38.04 12.00 -26.86
C THR A 28 39.50 11.98 -27.31
N GLN A 29 39.97 10.84 -27.80
CA GLN A 29 41.38 10.68 -28.11
C GLN A 29 41.71 11.08 -29.56
N LEU A 30 40.70 11.09 -30.42
CA LEU A 30 40.91 11.40 -31.83
C LEU A 30 40.24 12.70 -32.24
N ASP A 31 39.41 13.25 -31.35
CA ASP A 31 38.65 14.46 -31.61
C ASP A 31 37.80 14.31 -32.87
N LYS A 32 36.84 13.39 -32.82
CA LYS A 32 35.97 13.12 -33.96
C LYS A 32 34.53 12.93 -33.50
N ARG A 33 33.58 13.26 -34.37
CA ARG A 33 32.17 13.20 -34.02
C ARG A 33 31.62 11.79 -34.18
N VAL A 34 30.96 11.30 -33.13
CA VAL A 34 30.39 9.97 -33.13
C VAL A 34 28.89 9.99 -32.93
N LEU A 35 28.16 9.32 -33.83
CA LEU A 35 26.72 9.16 -33.68
C LEU A 35 26.39 7.77 -33.15
N VAL A 36 25.90 7.71 -31.92
CA VAL A 36 25.49 6.44 -31.32
C VAL A 36 24.00 6.23 -31.53
N LEU A 37 23.63 5.08 -32.08
CA LEU A 37 22.24 4.78 -32.37
C LEU A 37 21.74 3.61 -31.55
N GLU A 38 20.80 3.89 -30.65
CA GLU A 38 20.29 2.89 -29.72
C GLU A 38 18.83 2.56 -30.03
N ARG A 39 18.56 1.26 -30.21
CA ARG A 39 17.22 0.79 -30.50
C ARG A 39 16.30 0.92 -29.29
N ARG A 40 16.89 0.83 -28.10
CA ARG A 40 16.14 0.93 -26.85
C ARG A 40 15.90 2.38 -26.45
N PRO A 41 14.89 2.63 -25.59
CA PRO A 41 14.63 3.99 -25.11
C PRO A 41 15.69 4.49 -24.12
N HIS A 42 16.62 3.62 -23.73
CA HIS A 42 17.68 4.02 -22.81
C HIS A 42 19.03 3.50 -23.28
N ILE A 43 20.10 4.01 -22.69
CA ILE A 43 21.45 3.55 -23.03
C ILE A 43 21.92 2.47 -22.06
N GLY A 44 23.09 1.90 -22.35
CA GLY A 44 23.72 0.96 -21.44
C GLY A 44 23.41 -0.50 -21.68
N GLY A 45 22.45 -0.78 -22.56
CA GLY A 45 22.06 -2.14 -22.85
C GLY A 45 21.42 -2.84 -21.67
N ASN A 46 21.94 -4.00 -21.31
CA ASN A 46 21.44 -4.75 -20.17
C ASN A 46 21.96 -4.19 -18.86
N ALA A 47 22.98 -3.34 -18.94
CA ALA A 47 23.60 -2.76 -17.76
C ALA A 47 22.80 -1.59 -17.21
N TYR A 48 21.75 -1.20 -17.92
CA TYR A 48 20.90 -0.10 -17.47
C TYR A 48 20.22 -0.43 -16.15
N SER A 49 20.32 0.48 -15.19
CA SER A 49 19.72 0.27 -13.87
C SER A 49 18.74 1.37 -13.55
N GLU A 50 17.85 1.10 -12.60
CA GLU A 50 16.83 2.07 -12.19
C GLU A 50 16.56 1.98 -10.70
N ALA A 51 16.28 3.12 -10.08
CA ALA A 51 15.97 3.17 -8.66
C ALA A 51 14.51 2.83 -8.42
N GLU A 52 14.26 1.78 -7.64
CA GLU A 52 12.91 1.39 -7.27
C GLU A 52 12.28 2.50 -6.42
N PRO A 53 11.10 2.98 -6.84
CA PRO A 53 10.41 4.12 -6.24
C PRO A 53 10.21 4.04 -4.73
N GLN A 54 9.71 2.90 -4.25
CA GLN A 54 9.32 2.78 -2.84
C GLN A 54 10.51 2.70 -1.88
N THR A 55 11.65 2.24 -2.37
CA THR A 55 12.81 2.02 -1.50
C THR A 55 14.02 2.86 -1.90
N GLY A 56 14.10 3.23 -3.18
CA GLY A 56 15.24 3.99 -3.68
C GLY A 56 16.39 3.06 -4.01
N ILE A 57 16.14 1.77 -3.93
CA ILE A 57 17.16 0.76 -4.21
C ILE A 57 17.39 0.61 -5.71
N GLU A 58 18.65 0.72 -6.12
CA GLU A 58 19.02 0.52 -7.52
C GLU A 58 18.69 -0.89 -7.98
N VAL A 59 17.99 -1.00 -9.09
CA VAL A 59 17.60 -2.30 -9.63
C VAL A 59 18.19 -2.55 -11.00
N HIS A 60 19.00 -3.59 -11.11
CA HIS A 60 19.56 -3.99 -12.39
C HIS A 60 18.45 -4.59 -13.26
N LYS A 61 17.85 -3.74 -14.08
CA LYS A 61 16.64 -4.07 -14.86
C LYS A 61 16.75 -5.37 -15.67
N TYR A 62 17.88 -5.56 -16.33
CA TYR A 62 18.04 -6.70 -17.22
C TYR A 62 19.10 -7.68 -16.71
N GLY A 63 19.02 -7.99 -15.42
CA GLY A 63 19.94 -8.94 -14.81
C GLY A 63 21.01 -8.28 -13.97
N ALA A 64 21.34 -8.89 -12.84
CA ALA A 64 22.32 -8.35 -11.92
C ALA A 64 23.72 -8.27 -12.54
N HIS A 65 24.26 -7.07 -12.59
CA HIS A 65 25.60 -6.86 -13.13
C HIS A 65 26.61 -6.58 -12.02
N LEU A 66 27.65 -7.40 -11.96
CA LEU A 66 28.73 -7.25 -10.98
C LEU A 66 30.05 -7.06 -11.71
N PHE A 67 30.67 -5.90 -11.57
CA PHE A 67 31.90 -5.61 -12.29
C PHE A 67 33.12 -6.22 -11.59
N HIS A 68 34.00 -6.80 -12.40
CA HIS A 68 35.21 -7.45 -11.90
C HIS A 68 36.21 -7.64 -13.04
N THR A 69 37.48 -7.41 -12.76
CA THR A 69 38.53 -7.58 -13.76
C THR A 69 39.91 -7.71 -13.14
N SER A 70 40.83 -8.31 -13.88
CA SER A 70 42.22 -8.40 -13.47
C SER A 70 43.07 -7.52 -14.39
N ASN A 71 42.40 -6.85 -15.32
CA ASN A 71 43.07 -5.96 -16.26
C ASN A 71 43.13 -4.55 -15.70
N LYS A 72 44.34 -4.09 -15.36
CA LYS A 72 44.52 -2.78 -14.75
C LYS A 72 44.20 -1.65 -15.71
N ARG A 73 44.47 -1.86 -17.00
CA ARG A 73 44.18 -0.86 -18.01
C ARG A 73 42.67 -0.60 -18.08
N VAL A 74 41.90 -1.68 -18.08
CA VAL A 74 40.44 -1.60 -18.04
C VAL A 74 39.99 -0.94 -16.75
N TRP A 75 40.60 -1.35 -15.65
CA TRP A 75 40.28 -0.84 -14.32
C TRP A 75 40.51 0.67 -14.23
N ASP A 76 41.65 1.13 -14.74
CA ASP A 76 41.97 2.55 -14.73
C ASP A 76 41.07 3.33 -15.69
N TYR A 77 40.61 2.66 -16.75
CA TYR A 77 39.76 3.29 -17.74
C TYR A 77 38.35 3.54 -17.22
N VAL A 78 37.74 2.51 -16.65
CA VAL A 78 36.36 2.61 -16.17
C VAL A 78 36.25 3.52 -14.97
N ARG A 79 37.36 3.76 -14.29
CA ARG A 79 37.39 4.60 -13.09
C ARG A 79 37.33 6.08 -13.45
N GLN A 80 37.43 6.38 -14.74
CA GLN A 80 37.34 7.76 -15.21
C GLN A 80 35.90 8.25 -15.21
N PHE A 81 34.97 7.31 -15.15
CA PHE A 81 33.55 7.64 -15.30
C PHE A 81 32.75 7.31 -14.04
N THR A 82 33.35 6.54 -13.13
CA THR A 82 32.67 6.14 -11.91
C THR A 82 33.63 5.66 -10.84
N ASP A 83 33.22 5.80 -9.58
CA ASP A 83 33.92 5.21 -8.46
C ASP A 83 33.32 3.83 -8.18
N PHE A 84 34.07 2.96 -7.53
CA PHE A 84 33.59 1.62 -7.24
C PHE A 84 33.58 1.36 -5.73
N THR A 85 32.55 0.64 -5.28
CA THR A 85 32.44 0.30 -3.87
C THR A 85 33.38 -0.85 -3.50
N ASP A 86 33.42 -1.18 -2.22
CA ASP A 86 34.30 -2.23 -1.71
C ASP A 86 33.64 -3.59 -1.84
N TYR A 87 32.51 -3.64 -2.54
CA TYR A 87 31.69 -4.84 -2.65
C TYR A 87 32.44 -6.03 -3.25
N ARG A 88 32.30 -7.18 -2.60
CA ARG A 88 32.86 -8.43 -3.11
C ARG A 88 31.73 -9.45 -3.27
N HIS A 89 31.45 -9.83 -4.51
CA HIS A 89 30.27 -10.65 -4.80
C HIS A 89 30.39 -12.07 -4.28
N ARG A 90 29.36 -12.51 -3.56
CA ARG A 90 29.28 -13.87 -3.06
C ARG A 90 27.92 -14.48 -3.38
N VAL A 91 27.91 -15.75 -3.75
CA VAL A 91 26.68 -16.43 -4.13
C VAL A 91 26.45 -17.65 -3.25
N PHE A 92 25.21 -17.84 -2.82
CA PHE A 92 24.83 -19.04 -2.09
C PHE A 92 23.91 -19.91 -2.96
N ALA A 93 23.92 -21.21 -2.70
CA ALA A 93 23.15 -22.15 -3.52
C ALA A 93 22.09 -22.87 -2.69
N MET A 94 20.85 -22.83 -3.18
CA MET A 94 19.74 -23.51 -2.50
C MET A 94 19.57 -24.93 -3.04
N HIS A 95 19.65 -25.91 -2.15
CA HIS A 95 19.51 -27.31 -2.54
C HIS A 95 18.86 -28.13 -1.44
N ASN A 96 17.74 -28.77 -1.77
CA ASN A 96 16.99 -29.60 -0.83
C ASN A 96 16.63 -28.85 0.45
N GLY A 97 16.27 -27.58 0.32
CA GLY A 97 15.84 -26.78 1.44
C GLY A 97 16.98 -26.33 2.34
N GLN A 98 18.20 -26.36 1.81
CA GLN A 98 19.37 -25.93 2.57
C GLN A 98 20.23 -24.97 1.76
N ALA A 99 20.68 -23.90 2.40
CA ALA A 99 21.58 -22.94 1.76
C ALA A 99 23.01 -23.45 1.84
N TYR A 100 23.70 -23.44 0.70
CA TYR A 100 25.07 -23.94 0.62
C TYR A 100 26.06 -22.85 0.23
N GLN A 101 27.24 -22.90 0.82
CA GLN A 101 28.34 -22.03 0.42
C GLN A 101 28.74 -22.36 -1.01
N PHE A 102 29.08 -21.33 -1.77
CA PHE A 102 29.28 -21.48 -3.21
C PHE A 102 30.32 -20.46 -3.67
N PRO A 103 31.13 -20.82 -4.69
CA PRO A 103 31.14 -22.07 -5.46
C PRO A 103 31.97 -23.18 -4.82
N MET A 104 32.73 -23.88 -5.66
CA MET A 104 33.55 -25.00 -5.20
C MET A 104 34.58 -24.57 -4.17
N GLY A 105 34.46 -25.13 -2.97
CA GLY A 105 35.37 -24.81 -1.88
C GLY A 105 35.10 -25.67 -0.67
N LEU A 106 35.85 -25.46 0.40
CA LEU A 106 35.71 -26.24 1.62
C LEU A 106 34.34 -26.04 2.26
N GLY A 107 33.76 -24.86 2.07
CA GLY A 107 32.44 -24.56 2.60
C GLY A 107 31.38 -25.42 1.94
N LEU A 108 31.42 -25.48 0.61
CA LEU A 108 30.50 -26.30 -0.16
C LEU A 108 30.68 -27.78 0.17
N VAL A 109 31.92 -28.24 0.16
CA VAL A 109 32.25 -29.64 0.39
C VAL A 109 31.81 -30.12 1.78
N SER A 110 32.21 -29.39 2.81
CA SER A 110 31.93 -29.77 4.18
C SER A 110 30.43 -29.81 4.48
N GLN A 111 29.69 -28.87 3.91
CA GLN A 111 28.24 -28.84 4.10
C GLN A 111 27.55 -30.01 3.43
N PHE A 112 27.96 -30.32 2.21
CA PHE A 112 27.30 -31.34 1.40
C PHE A 112 27.63 -32.76 1.86
N PHE A 113 28.80 -32.94 2.47
CA PHE A 113 29.24 -34.28 2.88
C PHE A 113 29.18 -34.48 4.39
N GLY A 114 28.70 -33.45 5.11
CA GLY A 114 28.39 -33.60 6.51
C GLY A 114 29.54 -33.54 7.50
N LYS A 115 30.75 -33.29 7.01
CA LYS A 115 31.90 -33.16 7.90
C LYS A 115 32.99 -32.29 7.28
N TYR A 116 33.87 -31.77 8.12
CA TYR A 116 34.94 -30.88 7.65
C TYR A 116 36.02 -31.63 6.89
N PHE A 117 36.44 -31.06 5.77
CA PHE A 117 37.52 -31.63 4.98
C PHE A 117 38.70 -30.66 4.91
N THR A 118 39.89 -31.15 5.24
CA THR A 118 41.10 -30.37 5.07
C THR A 118 41.34 -30.15 3.58
N PRO A 119 42.06 -29.08 3.22
CA PRO A 119 42.42 -28.84 1.82
C PRO A 119 43.00 -30.06 1.12
N GLU A 120 43.76 -30.87 1.87
CA GLU A 120 44.35 -32.09 1.32
C GLU A 120 43.30 -33.18 1.19
N GLN A 121 42.46 -33.34 2.21
CA GLN A 121 41.40 -34.35 2.20
C GLN A 121 40.36 -34.04 1.14
N ALA A 122 40.09 -32.76 0.93
CA ALA A 122 39.09 -32.33 -0.05
C ALA A 122 39.56 -32.63 -1.47
N ARG A 123 40.83 -32.35 -1.74
CA ARG A 123 41.42 -32.66 -3.04
C ARG A 123 41.36 -34.15 -3.32
N GLN A 124 41.58 -34.94 -2.27
CA GLN A 124 41.53 -36.39 -2.37
C GLN A 124 40.13 -36.88 -2.73
N LEU A 125 39.13 -36.34 -2.04
CA LEU A 125 37.74 -36.74 -2.24
C LEU A 125 37.25 -36.46 -3.66
N ILE A 126 37.52 -35.24 -4.13
CA ILE A 126 37.09 -34.83 -5.46
C ILE A 126 37.84 -35.59 -6.55
N ALA A 127 39.10 -35.91 -6.29
CA ALA A 127 39.91 -36.68 -7.21
C ALA A 127 39.28 -38.03 -7.51
N GLU A 128 38.65 -38.62 -6.49
CA GLU A 128 37.96 -39.89 -6.66
C GLU A 128 36.69 -39.73 -7.47
N GLN A 129 35.96 -38.65 -7.20
CA GLN A 129 34.67 -38.41 -7.83
C GLN A 129 34.82 -37.83 -9.24
N ALA A 130 36.01 -37.36 -9.57
CA ALA A 130 36.31 -36.87 -10.90
C ALA A 130 37.08 -37.90 -11.69
N ALA A 131 36.70 -39.16 -11.51
CA ALA A 131 37.46 -40.29 -12.05
C ALA A 131 37.37 -40.43 -13.57
N GLU A 132 36.15 -40.61 -14.07
CA GLU A 132 35.94 -40.99 -15.47
C GLU A 132 36.30 -39.91 -16.50
N ILE A 133 36.79 -38.76 -16.03
CA ILE A 133 37.14 -37.67 -16.92
C ILE A 133 38.23 -36.77 -16.33
N ASP A 134 39.22 -36.43 -17.15
CA ASP A 134 40.28 -35.51 -16.75
C ASP A 134 40.14 -34.19 -17.48
N THR A 135 40.44 -33.10 -16.78
CA THR A 135 40.29 -31.76 -17.33
C THR A 135 41.08 -31.51 -18.62
N ALA A 136 42.20 -32.20 -18.80
CA ALA A 136 43.00 -32.03 -20.02
C ALA A 136 42.19 -32.42 -21.26
N ASP A 137 41.27 -33.38 -21.09
CA ASP A 137 40.34 -33.75 -22.13
C ASP A 137 39.12 -32.82 -22.08
N ALA A 138 37.93 -33.39 -21.89
CA ALA A 138 36.72 -32.63 -21.53
C ALA A 138 36.42 -31.43 -22.43
N GLN A 139 35.65 -31.66 -23.49
CA GLN A 139 35.32 -30.60 -24.44
C GLN A 139 34.00 -29.90 -24.12
N ASN A 140 33.08 -30.60 -23.45
CA ASN A 140 31.77 -30.02 -23.14
C ASN A 140 31.61 -29.63 -21.67
N LEU A 141 30.42 -29.12 -21.34
CA LEU A 141 30.15 -28.62 -19.99
C LEU A 141 30.11 -29.74 -18.97
N GLU A 142 29.39 -30.81 -19.29
CA GLU A 142 29.24 -31.94 -18.36
C GLU A 142 30.57 -32.58 -18.01
N GLU A 143 31.41 -32.82 -19.02
CA GLU A 143 32.70 -33.47 -18.78
C GLU A 143 33.65 -32.58 -17.97
N LYS A 144 33.67 -31.29 -18.26
CA LYS A 144 34.57 -30.35 -17.59
C LYS A 144 34.14 -30.11 -16.14
N ALA A 145 32.82 -30.03 -15.92
CA ALA A 145 32.28 -29.81 -14.59
C ALA A 145 32.60 -30.97 -13.65
N ILE A 146 32.39 -32.19 -14.14
CA ILE A 146 32.67 -33.38 -13.34
C ILE A 146 34.16 -33.50 -13.03
N SER A 147 34.99 -33.13 -14.00
CA SER A 147 36.44 -33.22 -13.84
C SER A 147 36.99 -32.14 -12.91
N LEU A 148 36.13 -31.23 -12.47
CA LEU A 148 36.55 -30.13 -11.60
C LEU A 148 36.00 -30.25 -10.19
N ILE A 149 34.75 -30.69 -10.06
CA ILE A 149 34.08 -30.76 -8.76
C ILE A 149 33.59 -32.16 -8.42
N GLY A 150 33.81 -33.11 -9.32
CA GLY A 150 33.33 -34.46 -9.11
C GLY A 150 31.90 -34.60 -9.60
N ARG A 151 31.41 -35.85 -9.65
CA ARG A 151 30.06 -36.10 -10.13
C ARG A 151 28.95 -35.81 -9.09
N PRO A 152 29.11 -36.24 -7.83
CA PRO A 152 28.05 -35.96 -6.86
C PRO A 152 27.72 -34.47 -6.71
N LEU A 153 28.74 -33.61 -6.77
CA LEU A 153 28.52 -32.17 -6.70
C LEU A 153 27.96 -31.65 -8.02
N TYR A 154 28.28 -32.34 -9.12
CA TYR A 154 27.77 -31.97 -10.43
C TYR A 154 26.26 -32.20 -10.52
N GLU A 155 25.81 -33.33 -9.98
CA GLU A 155 24.39 -33.65 -9.98
C GLU A 155 23.57 -32.63 -9.19
N ALA A 156 24.09 -32.24 -8.04
CA ALA A 156 23.33 -31.45 -7.09
C ALA A 156 23.37 -29.94 -7.37
N PHE A 157 24.45 -29.46 -7.96
CA PHE A 157 24.64 -28.02 -8.08
C PHE A 157 24.87 -27.52 -9.51
N VAL A 158 24.99 -28.43 -10.46
CA VAL A 158 25.23 -28.03 -11.85
C VAL A 158 24.13 -28.53 -12.79
N LYS A 159 23.84 -29.82 -12.73
CA LYS A 159 22.93 -30.47 -13.65
C LYS A 159 21.56 -29.79 -13.70
N GLY A 160 20.97 -29.59 -12.53
CA GLY A 160 19.66 -28.97 -12.45
C GLY A 160 19.66 -27.51 -12.87
N TYR A 161 20.68 -26.78 -12.41
CA TYR A 161 20.83 -25.36 -12.75
C TYR A 161 21.06 -25.17 -14.23
N THR A 162 21.97 -25.95 -14.79
CA THR A 162 22.28 -25.91 -16.21
C THR A 162 21.06 -26.25 -17.05
N ALA A 163 20.23 -27.17 -16.53
CA ALA A 163 19.03 -27.58 -17.22
C ALA A 163 18.05 -26.42 -17.37
N LYS A 164 17.95 -25.60 -16.34
CA LYS A 164 17.02 -24.48 -16.35
C LYS A 164 17.56 -23.28 -17.12
N GLN A 165 18.86 -23.04 -17.03
CA GLN A 165 19.49 -21.90 -17.68
C GLN A 165 19.60 -22.09 -19.19
N TRP A 166 19.78 -23.34 -19.63
CA TRP A 166 20.04 -23.61 -21.03
C TRP A 166 18.96 -24.42 -21.73
N GLN A 167 18.38 -25.38 -21.01
CA GLN A 167 17.46 -26.34 -21.61
C GLN A 167 18.13 -27.06 -22.78
N THR A 168 19.44 -27.23 -22.66
CA THR A 168 20.26 -27.88 -23.67
C THR A 168 21.16 -28.90 -22.99
N ASP A 169 21.31 -30.07 -23.62
CA ASP A 169 22.12 -31.15 -23.06
C ASP A 169 23.55 -30.68 -22.81
N PRO A 170 24.05 -30.86 -21.58
CA PRO A 170 25.37 -30.37 -21.14
C PRO A 170 26.53 -30.93 -21.95
N LYS A 171 26.31 -32.01 -22.69
CA LYS A 171 27.33 -32.56 -23.57
C LYS A 171 27.44 -31.77 -24.86
N GLU A 172 26.45 -30.90 -25.10
CA GLU A 172 26.45 -30.04 -26.27
C GLU A 172 26.84 -28.62 -25.90
N LEU A 173 26.90 -28.34 -24.60
CA LEU A 173 27.26 -27.01 -24.12
C LEU A 173 28.77 -26.88 -23.96
N PRO A 174 29.30 -25.67 -24.22
CA PRO A 174 30.74 -25.40 -24.13
C PRO A 174 31.29 -25.63 -22.72
N ALA A 175 32.57 -25.99 -22.64
CA ALA A 175 33.23 -26.21 -21.35
C ALA A 175 33.65 -24.88 -20.73
N ALA A 176 33.68 -23.84 -21.54
CA ALA A 176 34.08 -22.52 -21.08
C ALA A 176 33.02 -21.89 -20.18
N ASN A 177 31.81 -22.43 -20.25
CA ASN A 177 30.70 -21.92 -19.46
C ASN A 177 30.85 -22.20 -17.96
N ILE A 178 31.31 -23.40 -17.63
CA ILE A 178 31.43 -23.81 -16.24
C ILE A 178 32.73 -23.30 -15.62
N THR A 179 33.72 -23.01 -16.45
CA THR A 179 35.01 -22.54 -15.96
C THR A 179 34.98 -21.05 -15.60
N ARG A 180 33.81 -20.44 -15.74
CA ARG A 180 33.60 -19.08 -15.28
C ARG A 180 33.57 -19.05 -13.75
N LEU A 181 33.22 -20.20 -13.17
CA LEU A 181 33.18 -20.35 -11.72
C LEU A 181 34.53 -20.83 -11.19
N PRO A 182 35.05 -20.15 -10.16
CA PRO A 182 36.33 -20.53 -9.54
C PRO A 182 36.25 -21.89 -8.85
N VAL A 183 37.24 -22.74 -9.09
CA VAL A 183 37.37 -24.01 -8.38
C VAL A 183 38.45 -23.89 -7.31
N ARG A 184 38.04 -23.93 -6.05
CA ARG A 184 38.97 -23.74 -4.95
C ARG A 184 38.92 -24.89 -3.94
N TYR A 185 39.95 -24.95 -3.10
CA TYR A 185 39.99 -25.93 -2.02
C TYR A 185 40.26 -25.22 -0.70
N THR A 186 39.76 -23.99 -0.61
CA THR A 186 39.82 -23.21 0.62
C THR A 186 38.41 -22.81 1.04
N PHE A 187 38.31 -21.85 1.96
CA PHE A 187 37.01 -21.35 2.39
C PHE A 187 36.67 -20.04 1.70
N ASP A 188 37.47 -19.70 0.69
CA ASP A 188 37.22 -18.51 -0.12
C ASP A 188 35.96 -18.72 -0.96
N ASN A 189 34.89 -18.01 -0.61
CA ASN A 189 33.63 -18.13 -1.34
C ASN A 189 33.33 -16.90 -2.20
N ARG A 190 34.38 -16.18 -2.60
CA ARG A 190 34.23 -15.10 -3.55
C ARG A 190 33.89 -15.67 -4.91
N TYR A 191 32.79 -15.20 -5.49
CA TYR A 191 32.27 -15.78 -6.72
C TYR A 191 33.15 -15.46 -7.93
N PHE A 192 34.04 -14.48 -7.78
CA PHE A 192 34.98 -14.14 -8.83
C PHE A 192 36.41 -14.21 -8.32
N SER A 193 37.35 -14.46 -9.23
CA SER A 193 38.76 -14.51 -8.88
C SER A 193 39.54 -13.45 -9.63
N ASP A 194 39.09 -12.21 -9.53
CA ASP A 194 39.77 -11.09 -10.18
C ASP A 194 40.42 -10.16 -9.17
N THR A 195 41.44 -9.42 -9.62
CA THR A 195 42.14 -8.49 -8.76
C THR A 195 41.23 -7.36 -8.31
N TYR A 196 40.51 -6.77 -9.25
CA TYR A 196 39.64 -5.64 -8.95
C TYR A 196 38.17 -6.02 -9.06
N GLU A 197 37.37 -5.51 -8.12
CA GLU A 197 35.95 -5.84 -8.07
C GLU A 197 35.17 -4.78 -7.28
N GLY A 198 33.96 -4.49 -7.73
CA GLY A 198 33.11 -3.54 -7.04
C GLY A 198 31.89 -3.14 -7.85
N LEU A 199 31.02 -2.36 -7.23
CA LEU A 199 29.84 -1.84 -7.89
C LEU A 199 29.95 -0.32 -8.08
N PRO A 200 29.38 0.20 -9.17
CA PRO A 200 29.37 1.64 -9.40
C PRO A 200 28.70 2.38 -8.24
N THR A 201 29.46 3.26 -7.59
CA THR A 201 29.01 3.94 -6.38
C THR A 201 27.71 4.70 -6.58
N ASP A 202 27.56 5.33 -7.75
CA ASP A 202 26.37 6.12 -8.04
C ASP A 202 25.49 5.46 -9.08
N GLY A 203 25.56 4.14 -9.16
CA GLY A 203 24.72 3.38 -10.08
C GLY A 203 25.32 3.22 -11.46
N TYR A 204 24.82 2.24 -12.20
CA TYR A 204 25.33 1.95 -13.54
C TYR A 204 24.97 3.04 -14.55
N THR A 205 23.75 3.57 -14.44
CA THR A 205 23.27 4.59 -15.36
C THR A 205 24.17 5.82 -15.36
N ALA A 206 24.53 6.29 -14.17
CA ALA A 206 25.41 7.44 -14.03
C ALA A 206 26.77 7.16 -14.66
N TRP A 207 27.25 5.94 -14.47
CA TRP A 207 28.48 5.47 -15.09
C TRP A 207 28.38 5.52 -16.61
N LEU A 208 27.31 4.94 -17.13
CA LEU A 208 27.10 4.88 -18.58
C LEU A 208 26.90 6.26 -19.20
N GLN A 209 26.25 7.15 -18.44
CA GLN A 209 26.00 8.51 -18.92
C GLN A 209 27.29 9.31 -19.05
N ASN A 210 28.22 9.07 -18.13
CA ASN A 210 29.49 9.79 -18.15
C ASN A 210 30.39 9.36 -19.30
N MET A 211 30.17 8.15 -19.81
CA MET A 211 30.94 7.67 -20.95
C MET A 211 30.45 8.26 -22.27
N ALA A 212 29.16 8.58 -22.32
CA ALA A 212 28.55 9.17 -23.50
C ALA A 212 28.22 10.64 -23.28
N ALA A 213 28.93 11.26 -22.33
CA ALA A 213 28.65 12.64 -21.95
C ALA A 213 29.30 13.65 -22.88
N ASP A 214 30.37 13.24 -23.55
CA ASP A 214 31.13 14.13 -24.43
C ASP A 214 30.26 14.73 -25.51
N HIS A 215 30.42 16.03 -25.76
CA HIS A 215 29.56 16.76 -26.70
C HIS A 215 29.76 16.30 -28.13
N ARG A 216 30.90 15.68 -28.40
CA ARG A 216 31.19 15.15 -29.72
C ARG A 216 30.48 13.81 -29.94
N ILE A 217 29.83 13.32 -28.90
CA ILE A 217 29.03 12.10 -28.99
C ILE A 217 27.54 12.41 -28.97
N GLU A 218 26.81 11.94 -29.97
CA GLU A 218 25.37 12.09 -30.00
C GLU A 218 24.69 10.74 -29.91
N VAL A 219 23.77 10.62 -28.95
CA VAL A 219 23.02 9.38 -28.77
C VAL A 219 21.58 9.53 -29.20
N ARG A 220 21.17 8.75 -30.19
CA ARG A 220 19.79 8.76 -30.66
C ARG A 220 19.04 7.54 -30.17
N LEU A 221 18.29 7.71 -29.09
CA LEU A 221 17.51 6.63 -28.50
C LEU A 221 16.30 6.31 -29.36
N ASN A 222 15.75 5.10 -29.17
CA ASN A 222 14.60 4.63 -29.93
C ASN A 222 14.82 4.70 -31.44
N THR A 223 16.04 4.41 -31.87
CA THR A 223 16.40 4.46 -33.29
C THR A 223 17.08 3.17 -33.72
N ASP A 224 16.49 2.49 -34.70
CA ASP A 224 17.06 1.26 -35.23
C ASP A 224 17.95 1.57 -36.44
N TRP A 225 19.17 1.06 -36.40
CA TRP A 225 20.18 1.33 -37.43
C TRP A 225 19.73 0.93 -38.83
N PHE A 226 19.06 -0.22 -38.93
CA PHE A 226 18.66 -0.76 -40.22
C PHE A 226 17.61 0.13 -40.91
N ASP A 227 16.88 0.91 -40.11
CA ASP A 227 15.85 1.79 -40.66
C ASP A 227 16.46 3.06 -41.24
N VAL A 228 17.52 3.56 -40.63
CA VAL A 228 18.03 4.89 -40.94
C VAL A 228 19.44 4.91 -41.54
N ARG A 229 20.02 3.74 -41.77
CA ARG A 229 21.40 3.67 -42.27
C ARG A 229 21.50 4.14 -43.72
N GLY A 230 20.46 3.89 -44.50
CA GLY A 230 20.45 4.28 -45.90
C GLY A 230 20.44 5.79 -46.07
N GLN A 231 20.03 6.48 -45.02
CA GLN A 231 19.94 7.94 -45.04
C GLN A 231 21.13 8.58 -44.35
N LEU A 232 21.63 7.95 -43.30
CA LEU A 232 22.71 8.49 -42.49
C LEU A 232 24.07 8.37 -43.16
N ARG A 233 24.39 7.17 -43.64
CA ARG A 233 25.69 6.90 -44.23
C ARG A 233 26.05 7.79 -45.44
N PRO A 234 25.08 8.11 -46.31
CA PRO A 234 25.43 9.07 -47.36
C PRO A 234 25.83 10.45 -46.82
N GLY A 235 25.29 10.82 -45.67
CA GLY A 235 25.63 12.09 -45.05
C GLY A 235 27.08 12.15 -44.62
N SER A 236 27.66 10.98 -44.39
CA SER A 236 29.07 10.85 -44.02
C SER A 236 29.60 9.51 -44.49
N PRO A 237 29.93 9.41 -45.79
CA PRO A 237 30.25 8.14 -46.47
C PRO A 237 31.58 7.51 -46.09
N ALA A 238 32.49 8.29 -45.50
CA ALA A 238 33.79 7.77 -45.10
C ALA A 238 33.75 7.19 -43.70
N ALA A 239 32.70 7.52 -42.96
CA ALA A 239 32.57 7.08 -41.57
C ALA A 239 32.28 5.59 -41.47
N PRO A 240 33.15 4.86 -40.75
CA PRO A 240 32.96 3.42 -40.50
C PRO A 240 31.78 3.16 -39.58
N VAL A 241 31.40 1.90 -39.42
CA VAL A 241 30.27 1.53 -38.58
C VAL A 241 30.64 0.43 -37.60
N VAL A 242 30.39 0.67 -36.31
CA VAL A 242 30.59 -0.35 -35.29
C VAL A 242 29.24 -0.94 -34.88
N TYR A 243 28.99 -2.18 -35.28
CA TYR A 243 27.72 -2.84 -34.99
C TYR A 243 27.85 -3.79 -33.80
N THR A 244 26.97 -3.61 -32.82
CA THR A 244 27.03 -4.42 -31.59
C THR A 244 25.74 -5.20 -31.37
N GLY A 245 24.86 -5.22 -32.36
CA GLY A 245 23.63 -5.97 -32.28
C GLY A 245 23.87 -7.44 -32.62
N PRO A 246 22.79 -8.24 -32.65
CA PRO A 246 22.89 -9.66 -33.00
C PRO A 246 23.50 -9.87 -34.38
N LEU A 247 24.54 -10.69 -34.46
CA LEU A 247 25.26 -10.91 -35.70
C LEU A 247 24.39 -11.54 -36.78
N ASP A 248 23.56 -12.50 -36.39
CA ASP A 248 22.67 -13.18 -37.33
C ASP A 248 21.57 -12.26 -37.83
N ARG A 249 21.19 -11.29 -37.00
CA ARG A 249 20.16 -10.33 -37.36
C ARG A 249 20.65 -9.35 -38.44
N TYR A 250 21.93 -9.01 -38.39
CA TYR A 250 22.51 -8.06 -39.34
C TYR A 250 22.37 -8.53 -40.79
N PHE A 251 22.36 -9.84 -40.99
CA PHE A 251 22.19 -10.41 -42.32
C PHE A 251 20.81 -11.03 -42.47
N ASP A 252 19.89 -10.63 -41.61
CA ASP A 252 18.52 -11.13 -41.60
C ASP A 252 18.45 -12.65 -41.56
N TYR A 253 19.34 -13.25 -40.76
CA TYR A 253 19.36 -14.70 -40.56
C TYR A 253 19.45 -15.45 -41.88
N ALA A 254 20.35 -15.00 -42.75
CA ALA A 254 20.49 -15.53 -44.10
C ALA A 254 20.84 -17.02 -44.12
N GLU A 255 21.77 -17.42 -43.27
CA GLU A 255 22.22 -18.81 -43.23
C GLU A 255 21.56 -19.59 -42.12
N GLY A 256 20.73 -18.91 -41.32
CA GLY A 256 20.04 -19.54 -40.21
C GLY A 256 20.10 -18.68 -38.96
N ARG A 257 19.26 -19.03 -37.98
CA ARG A 257 19.21 -18.28 -36.73
C ARG A 257 20.10 -18.93 -35.67
N LEU A 258 21.01 -18.14 -35.11
CA LEU A 258 21.92 -18.63 -34.08
C LEU A 258 21.18 -18.98 -32.80
N GLY A 259 21.73 -19.92 -32.04
CA GLY A 259 21.15 -20.32 -30.78
C GLY A 259 21.40 -19.31 -29.69
N TRP A 260 20.33 -18.72 -29.17
CA TRP A 260 20.43 -17.77 -28.07
C TRP A 260 19.59 -18.19 -26.87
N ARG A 261 19.89 -17.63 -25.71
CA ARG A 261 19.05 -17.77 -24.54
C ARG A 261 18.63 -16.39 -24.06
N THR A 262 17.37 -16.25 -23.64
CA THR A 262 16.86 -14.98 -23.16
C THR A 262 16.39 -15.09 -21.71
N LEU A 263 16.19 -13.96 -21.06
CA LEU A 263 15.80 -13.96 -19.65
C LEU A 263 14.55 -13.11 -19.39
N ASP A 264 13.71 -13.60 -18.48
CA ASP A 264 12.55 -12.86 -18.02
C ASP A 264 12.66 -12.63 -16.52
N PHE A 265 12.23 -11.46 -16.06
CA PHE A 265 12.41 -11.10 -14.66
C PHE A 265 11.10 -10.72 -13.98
N GLU A 266 10.97 -11.13 -12.71
CA GLU A 266 9.85 -10.71 -11.89
C GLU A 266 10.33 -9.84 -10.73
N VAL A 267 10.17 -8.53 -10.88
CA VAL A 267 10.58 -7.60 -9.83
C VAL A 267 9.44 -7.40 -8.83
N GLU A 268 9.74 -7.58 -7.55
CA GLU A 268 8.71 -7.48 -6.52
C GLU A 268 9.21 -6.74 -5.27
N VAL A 269 8.36 -5.88 -4.74
CA VAL A 269 8.69 -5.14 -3.52
C VAL A 269 7.94 -5.75 -2.33
N LEU A 270 8.68 -6.46 -1.48
CA LEU A 270 8.10 -7.15 -0.34
C LEU A 270 7.97 -6.25 0.88
N PRO A 271 6.91 -6.46 1.68
CA PRO A 271 6.70 -5.68 2.91
C PRO A 271 7.57 -6.16 4.09
N ILE A 272 8.72 -6.75 3.78
CA ILE A 272 9.68 -7.15 4.80
C ILE A 272 11.03 -6.50 4.52
N GLY A 273 11.87 -6.43 5.55
CA GLY A 273 13.16 -5.78 5.43
C GLY A 273 14.21 -6.61 4.71
N ASP A 274 14.08 -7.93 4.79
CA ASP A 274 15.06 -8.83 4.22
C ASP A 274 14.42 -10.14 3.77
N PHE A 275 14.62 -10.49 2.51
CA PHE A 275 14.00 -11.70 1.95
C PHE A 275 14.88 -12.94 2.10
N GLN A 276 16.17 -12.81 1.84
CA GLN A 276 17.07 -13.96 1.88
C GLN A 276 18.41 -13.68 2.55
N GLY A 277 18.62 -12.43 2.95
CA GLY A 277 19.81 -12.06 3.68
C GLY A 277 21.11 -12.12 2.89
N THR A 278 21.00 -12.11 1.56
CA THR A 278 22.17 -12.09 0.70
C THR A 278 21.80 -11.56 -0.69
N ALA A 279 22.81 -11.20 -1.48
CA ALA A 279 22.58 -10.59 -2.77
C ALA A 279 21.94 -11.53 -3.77
N VAL A 280 22.59 -12.66 -4.02
CA VAL A 280 22.11 -13.63 -5.01
C VAL A 280 22.03 -15.05 -4.44
N MET A 281 20.84 -15.64 -4.53
CA MET A 281 20.63 -17.00 -4.08
C MET A 281 20.30 -17.91 -5.27
N ASN A 282 21.23 -18.80 -5.62
CA ASN A 282 21.00 -19.72 -6.72
C ASN A 282 20.08 -20.87 -6.33
N TYR A 283 19.11 -21.16 -7.21
CA TYR A 283 18.21 -22.28 -6.99
C TYR A 283 18.54 -23.41 -7.96
N ASN A 284 19.21 -24.44 -7.43
CA ASN A 284 19.74 -25.52 -8.27
C ASN A 284 18.75 -26.66 -8.49
N ASP A 285 17.66 -26.67 -7.71
CA ASP A 285 16.68 -27.73 -7.82
C ASP A 285 15.65 -27.44 -8.90
N LEU A 286 15.03 -28.50 -9.41
CA LEU A 286 14.08 -28.38 -10.53
C LEU A 286 12.65 -28.16 -10.06
N ASP A 287 12.42 -28.25 -8.74
CA ASP A 287 11.09 -28.06 -8.19
C ASP A 287 10.75 -26.57 -8.12
N VAL A 288 11.59 -25.75 -8.74
CA VAL A 288 11.42 -24.31 -8.77
C VAL A 288 11.77 -23.78 -10.16
N PRO A 289 10.87 -22.97 -10.74
CA PRO A 289 11.00 -22.50 -12.12
C PRO A 289 12.18 -21.55 -12.36
N TYR A 290 12.44 -20.65 -11.43
CA TYR A 290 13.49 -19.65 -11.61
C TYR A 290 14.87 -20.20 -11.27
N THR A 291 15.90 -19.64 -11.90
CA THR A 291 17.28 -20.08 -11.69
C THR A 291 17.87 -19.50 -10.41
N ARG A 292 17.54 -18.24 -10.12
CA ARG A 292 18.07 -17.56 -8.95
C ARG A 292 17.24 -16.35 -8.55
N ILE A 293 17.46 -15.86 -7.33
CA ILE A 293 16.76 -14.68 -6.84
C ILE A 293 17.76 -13.62 -6.39
N HIS A 294 17.58 -12.40 -6.89
CA HIS A 294 18.42 -11.28 -6.51
C HIS A 294 17.74 -10.44 -5.44
N GLU A 295 18.52 -9.92 -4.50
CA GLU A 295 18.01 -8.94 -3.53
C GLU A 295 18.95 -7.75 -3.51
N PHE A 296 18.52 -6.67 -4.16
CA PHE A 296 19.42 -5.57 -4.50
C PHE A 296 19.84 -4.68 -3.33
N ARG A 297 19.22 -4.86 -2.17
CA ARG A 297 19.63 -4.08 -1.01
C ARG A 297 20.98 -4.56 -0.51
N HIS A 298 21.28 -5.83 -0.75
CA HIS A 298 22.52 -6.43 -0.30
C HIS A 298 23.66 -6.17 -1.27
N PHE A 299 23.33 -5.58 -2.42
CA PHE A 299 24.35 -5.19 -3.40
C PHE A 299 25.14 -3.99 -2.88
N HIS A 300 24.44 -3.12 -2.14
CA HIS A 300 25.07 -1.94 -1.57
C HIS A 300 24.82 -1.85 -0.06
N PRO A 301 25.55 -2.65 0.73
CA PRO A 301 25.40 -2.62 2.19
C PRO A 301 25.87 -1.31 2.80
N GLU A 302 26.71 -0.55 2.09
CA GLU A 302 27.19 0.72 2.57
C GLU A 302 26.08 1.76 2.54
N ARG A 303 25.14 1.58 1.62
CA ARG A 303 23.95 2.42 1.58
C ARG A 303 22.94 1.92 2.60
N ASP A 304 22.25 2.84 3.25
CA ASP A 304 21.23 2.46 4.23
C ASP A 304 19.83 2.65 3.67
N TYR A 305 19.11 1.53 3.56
CA TYR A 305 17.75 1.55 3.04
C TYR A 305 16.73 1.27 4.14
N ARG A 306 15.47 1.55 3.84
CA ARG A 306 14.39 1.28 4.79
C ARG A 306 14.31 -0.21 5.11
N THR A 307 14.04 -0.53 6.37
CA THR A 307 14.06 -1.91 6.83
C THR A 307 12.65 -2.51 6.95
N ASP A 308 11.69 -1.88 6.28
CA ASP A 308 10.32 -2.38 6.27
C ASP A 308 9.93 -2.89 4.89
N LYS A 309 10.79 -2.61 3.90
CA LYS A 309 10.55 -3.06 2.54
C LYS A 309 11.85 -3.49 1.86
N THR A 310 11.73 -4.43 0.93
CA THR A 310 12.89 -4.91 0.17
C THR A 310 12.49 -5.20 -1.27
N VAL A 311 13.47 -5.16 -2.17
CA VAL A 311 13.21 -5.40 -3.59
C VAL A 311 13.95 -6.65 -4.08
N ILE A 312 13.18 -7.62 -4.55
CA ILE A 312 13.78 -8.86 -5.06
C ILE A 312 13.43 -9.07 -6.53
N MET A 313 14.20 -9.93 -7.20
CA MET A 313 14.00 -10.21 -8.61
C MET A 313 14.26 -11.67 -8.94
N ARG A 314 13.21 -12.39 -9.30
CA ARG A 314 13.33 -13.78 -9.74
C ARG A 314 13.71 -13.85 -11.22
N GLU A 315 14.68 -14.69 -11.53
CA GLU A 315 15.21 -14.77 -12.89
C GLU A 315 14.80 -16.06 -13.60
N TYR A 316 14.18 -15.91 -14.77
CA TYR A 316 13.73 -17.06 -15.55
C TYR A 316 14.49 -17.15 -16.87
N SER A 317 14.75 -18.38 -17.33
CA SER A 317 15.50 -18.58 -18.55
C SER A 317 14.74 -19.42 -19.57
N ARG A 318 14.71 -18.94 -20.81
CA ARG A 318 14.05 -19.65 -21.90
C ARG A 318 14.75 -19.37 -23.23
N PHE A 319 14.28 -20.00 -24.29
CA PHE A 319 14.88 -19.82 -25.61
C PHE A 319 14.50 -18.46 -26.21
N ALA A 320 15.49 -17.76 -26.75
CA ALA A 320 15.26 -16.46 -27.36
C ALA A 320 14.46 -16.60 -28.66
N GLU A 321 13.41 -15.79 -28.81
CA GLU A 321 12.59 -15.85 -30.00
C GLU A 321 12.97 -14.76 -31.00
N ASP A 322 12.00 -14.34 -31.81
CA ASP A 322 12.23 -13.29 -32.79
C ASP A 322 12.21 -11.90 -32.13
N ASP A 323 11.20 -11.68 -31.29
CA ASP A 323 10.98 -10.39 -30.68
C ASP A 323 11.73 -10.24 -29.35
N ASP A 324 12.47 -11.27 -28.97
CA ASP A 324 13.21 -11.26 -27.71
C ASP A 324 14.61 -10.69 -27.87
N GLU A 325 15.08 -10.00 -26.84
CA GLU A 325 16.48 -9.57 -26.78
C GLU A 325 17.33 -10.74 -26.32
N PRO A 326 18.39 -11.06 -27.07
CA PRO A 326 19.29 -12.17 -26.73
C PRO A 326 20.22 -11.83 -25.58
N TYR A 327 20.32 -12.75 -24.61
CA TYR A 327 21.16 -12.54 -23.44
C TYR A 327 22.40 -13.42 -23.50
N TYR A 328 22.20 -14.71 -23.73
CA TYR A 328 23.30 -15.68 -23.74
C TYR A 328 23.42 -16.41 -25.08
N PRO A 329 24.64 -16.42 -25.64
CA PRO A 329 24.93 -17.28 -26.79
C PRO A 329 25.13 -18.72 -26.30
N ILE A 330 24.58 -19.69 -27.03
CA ILE A 330 24.64 -21.08 -26.60
C ILE A 330 25.89 -21.78 -27.09
N ASN A 331 26.28 -21.48 -28.33
CA ASN A 331 27.50 -22.00 -28.93
C ASN A 331 27.62 -23.53 -28.90
N THR A 332 26.62 -24.21 -29.45
CA THR A 332 26.71 -25.66 -29.62
C THR A 332 27.53 -25.97 -30.86
N GLU A 333 27.65 -27.26 -31.19
CA GLU A 333 28.35 -27.68 -32.38
C GLU A 333 27.79 -27.01 -33.65
N ALA A 334 26.47 -26.96 -33.75
CA ALA A 334 25.82 -26.37 -34.91
C ALA A 334 25.90 -24.85 -34.90
N ASP A 335 25.79 -24.27 -33.71
CA ASP A 335 25.83 -22.83 -33.54
C ASP A 335 27.18 -22.23 -33.91
N ARG A 336 28.26 -22.91 -33.53
CA ARG A 336 29.60 -22.44 -33.87
C ARG A 336 29.86 -22.60 -35.37
N ALA A 337 29.26 -23.61 -35.98
CA ALA A 337 29.41 -23.80 -37.42
C ALA A 337 28.68 -22.68 -38.17
N LEU A 338 27.49 -22.35 -37.68
CA LEU A 338 26.71 -21.26 -38.25
C LEU A 338 27.41 -19.93 -38.03
N LEU A 339 28.06 -19.80 -36.88
CA LEU A 339 28.83 -18.60 -36.53
C LEU A 339 30.00 -18.41 -37.49
N ALA A 340 30.59 -19.52 -37.91
CA ALA A 340 31.74 -19.48 -38.81
C ALA A 340 31.36 -18.87 -40.16
N THR A 341 30.14 -19.15 -40.60
CA THR A 341 29.64 -18.59 -41.86
C THR A 341 29.44 -17.09 -41.74
N TYR A 342 28.90 -16.65 -40.62
CA TYR A 342 28.62 -15.23 -40.39
C TYR A 342 29.90 -14.44 -40.17
N ARG A 343 30.93 -15.09 -39.62
CA ARG A 343 32.22 -14.43 -39.43
C ARG A 343 32.84 -14.11 -40.78
N ALA A 344 32.66 -15.02 -41.73
CA ALA A 344 33.14 -14.81 -43.09
C ALA A 344 32.36 -13.68 -43.75
N ARG A 345 31.06 -13.65 -43.51
CA ARG A 345 30.19 -12.60 -44.04
C ARG A 345 30.54 -11.25 -43.42
N ALA A 346 30.80 -11.26 -42.12
CA ALA A 346 31.17 -10.04 -41.40
C ALA A 346 32.51 -9.52 -41.90
N LYS A 347 33.41 -10.45 -42.20
CA LYS A 347 34.74 -10.10 -42.71
C LYS A 347 34.62 -9.47 -44.10
N SER A 348 33.55 -9.81 -44.81
CA SER A 348 33.29 -9.25 -46.13
C SER A 348 32.67 -7.86 -46.03
N GLU A 349 31.78 -7.69 -45.07
CA GLU A 349 31.13 -6.39 -44.85
C GLU A 349 32.12 -5.34 -44.39
N THR A 350 33.14 -5.78 -43.65
CA THR A 350 34.20 -4.88 -43.20
C THR A 350 35.00 -4.36 -44.37
N ALA A 351 35.24 -5.23 -45.35
CA ALA A 351 36.04 -4.89 -46.52
C ALA A 351 35.24 -4.16 -47.58
N SER A 352 33.91 -4.30 -47.54
CA SER A 352 33.07 -3.73 -48.59
C SER A 352 32.27 -2.53 -48.14
N SER A 353 32.05 -2.39 -46.83
CA SER A 353 31.19 -1.33 -46.32
C SER A 353 31.74 -0.66 -45.07
N LYS A 354 32.99 -0.98 -44.71
CA LYS A 354 33.63 -0.46 -43.51
C LYS A 354 32.77 -0.70 -42.26
N VAL A 355 32.33 -1.94 -42.09
CA VAL A 355 31.48 -2.28 -40.96
C VAL A 355 32.18 -3.25 -40.00
N LEU A 356 32.40 -2.81 -38.78
CA LEU A 356 33.04 -3.64 -37.77
C LEU A 356 32.02 -4.33 -36.88
N PHE A 357 32.41 -5.45 -36.29
CA PHE A 357 31.53 -6.23 -35.43
C PHE A 357 32.17 -6.50 -34.07
N GLY A 358 31.51 -6.06 -33.01
CA GLY A 358 32.03 -6.24 -31.66
C GLY A 358 30.93 -6.32 -30.62
N GLY A 359 31.26 -6.87 -29.46
CA GLY A 359 30.31 -6.96 -28.37
C GLY A 359 29.77 -8.37 -28.15
N ARG A 360 28.96 -8.53 -27.12
CA ARG A 360 28.35 -9.81 -26.78
C ARG A 360 27.49 -10.34 -27.93
N LEU A 361 26.65 -9.47 -28.47
CA LEU A 361 25.74 -9.85 -29.54
C LEU A 361 26.44 -9.79 -30.90
N GLY A 362 27.37 -8.85 -31.05
CA GLY A 362 28.05 -8.63 -32.31
C GLY A 362 29.01 -9.73 -32.70
N THR A 363 29.49 -10.50 -31.73
CA THR A 363 30.47 -11.54 -31.99
C THR A 363 29.99 -12.91 -31.53
N TYR A 364 28.76 -12.97 -31.03
CA TYR A 364 28.17 -14.21 -30.51
C TYR A 364 29.07 -14.82 -29.43
N GLN A 365 29.52 -13.97 -28.51
CA GLN A 365 30.43 -14.41 -27.46
C GLN A 365 29.90 -14.14 -26.06
N TYR A 366 30.19 -15.07 -25.15
CA TYR A 366 29.83 -14.96 -23.75
C TYR A 366 30.74 -13.92 -23.08
N LEU A 367 30.41 -12.65 -23.25
CA LEU A 367 31.26 -11.57 -22.76
C LEU A 367 30.76 -10.93 -21.47
N ASP A 368 31.64 -10.84 -20.48
CA ASP A 368 31.37 -10.05 -19.29
C ASP A 368 31.64 -8.58 -19.60
N MET A 369 31.26 -7.69 -18.69
CA MET A 369 31.40 -6.26 -18.89
C MET A 369 32.85 -5.86 -19.17
N HIS A 370 33.78 -6.37 -18.37
CA HIS A 370 35.19 -6.02 -18.50
C HIS A 370 35.80 -6.60 -19.77
N MET A 371 35.37 -7.80 -20.14
CA MET A 371 35.86 -8.43 -21.35
C MET A 371 35.33 -7.71 -22.59
N ALA A 372 34.15 -7.14 -22.48
CA ALA A 372 33.56 -6.36 -23.57
C ALA A 372 34.31 -5.05 -23.75
N ILE A 373 34.59 -4.37 -22.65
CA ILE A 373 35.31 -3.11 -22.67
C ILE A 373 36.75 -3.32 -23.15
N ALA A 374 37.37 -4.39 -22.69
CA ALA A 374 38.72 -4.73 -23.12
C ALA A 374 38.74 -5.04 -24.62
N SER A 375 37.69 -5.72 -25.09
CA SER A 375 37.56 -6.04 -26.51
C SER A 375 37.36 -4.77 -27.33
N ALA A 376 36.69 -3.78 -26.74
CA ALA A 376 36.45 -2.51 -27.40
C ALA A 376 37.75 -1.70 -27.50
N LEU A 377 38.52 -1.71 -26.41
CA LEU A 377 39.80 -1.01 -26.38
C LEU A 377 40.77 -1.64 -27.38
N ASN A 378 40.66 -2.96 -27.55
CA ASN A 378 41.48 -3.67 -28.54
C ASN A 378 41.11 -3.26 -29.96
N MET A 379 39.81 -3.20 -30.24
CA MET A 379 39.34 -2.82 -31.57
C MET A 379 39.73 -1.38 -31.88
N TYR A 380 39.67 -0.51 -30.86
CA TYR A 380 40.07 0.87 -31.04
C TYR A 380 41.55 0.98 -31.38
N ASP A 381 42.38 0.44 -30.51
CA ASP A 381 43.83 0.55 -30.64
C ASP A 381 44.38 0.00 -31.97
N ASN A 382 43.86 -1.15 -32.39
CA ASN A 382 44.44 -1.87 -33.51
C ASN A 382 43.69 -1.71 -34.83
N VAL A 383 42.47 -1.23 -34.78
CA VAL A 383 41.66 -1.12 -36.00
C VAL A 383 41.16 0.30 -36.26
N LEU A 384 40.29 0.81 -35.39
CA LEU A 384 39.64 2.10 -35.62
C LEU A 384 40.59 3.29 -35.56
N ALA A 385 41.39 3.37 -34.50
CA ALA A 385 42.33 4.48 -34.33
C ALA A 385 43.37 4.56 -35.46
N PRO A 386 43.95 3.43 -35.89
CA PRO A 386 44.86 3.56 -37.03
C PRO A 386 44.14 3.97 -38.32
N HIS A 387 42.84 3.65 -38.41
CA HIS A 387 42.07 3.95 -39.61
C HIS A 387 41.68 5.42 -39.68
N LEU A 388 41.06 5.92 -38.62
CA LEU A 388 40.54 7.28 -38.59
C LEU A 388 41.66 8.32 -38.54
N ARG A 389 42.82 7.91 -38.08
CA ARG A 389 43.93 8.85 -37.87
C ARG A 389 45.04 8.69 -38.91
N ASP A 390 45.30 7.47 -39.34
CA ASP A 390 46.41 7.20 -40.24
C ASP A 390 45.99 6.51 -41.54
N GLY A 391 44.69 6.38 -41.75
CA GLY A 391 44.17 5.85 -43.00
C GLY A 391 44.40 4.37 -43.23
N VAL A 392 44.91 3.68 -42.21
CA VAL A 392 45.16 2.24 -42.30
C VAL A 392 43.87 1.48 -42.49
N PRO A 393 43.82 0.57 -43.47
CA PRO A 393 42.65 -0.27 -43.76
C PRO A 393 42.12 -1.01 -42.53
N LEU A 394 40.84 -1.36 -42.54
CA LEU A 394 40.22 -2.04 -41.42
C LEU A 394 40.57 -3.53 -41.39
N LEU A 395 41.34 -3.97 -42.38
CA LEU A 395 41.80 -5.35 -42.44
C LEU A 395 43.30 -5.44 -42.70
N THR B 5 4.23 -24.67 -32.42
CA THR B 5 4.11 -23.91 -31.18
C THR B 5 4.01 -22.41 -31.45
N ALA B 6 3.04 -21.76 -30.81
CA ALA B 6 2.83 -20.33 -31.00
C ALA B 6 3.70 -19.50 -30.06
N ARG B 7 3.60 -18.18 -30.16
CA ARG B 7 4.37 -17.28 -29.33
C ARG B 7 3.62 -16.92 -28.05
N PHE B 8 2.31 -16.70 -28.17
CA PHE B 8 1.48 -16.37 -27.03
C PHE B 8 0.24 -17.27 -26.96
N ASP B 9 -0.30 -17.43 -25.76
CA ASP B 9 -1.51 -18.22 -25.56
C ASP B 9 -2.74 -17.32 -25.48
N LEU B 10 -2.51 -16.02 -25.31
CA LEU B 10 -3.60 -15.07 -25.13
C LEU B 10 -3.18 -13.64 -25.44
N PHE B 11 -4.07 -12.89 -26.06
CA PHE B 11 -3.88 -11.45 -26.25
C PHE B 11 -4.88 -10.68 -25.39
N VAL B 12 -4.36 -9.72 -24.62
CA VAL B 12 -5.23 -8.87 -23.80
C VAL B 12 -5.03 -7.40 -24.17
N VAL B 13 -6.07 -6.80 -24.74
CA VAL B 13 -6.01 -5.39 -25.14
C VAL B 13 -6.43 -4.49 -23.98
N GLY B 14 -5.50 -3.64 -23.55
CA GLY B 14 -5.76 -2.75 -22.43
C GLY B 14 -5.22 -3.32 -21.13
N SER B 15 -4.53 -2.47 -20.38
CA SER B 15 -3.93 -2.91 -19.11
C SER B 15 -4.66 -2.31 -17.92
N GLY B 16 -5.97 -2.16 -18.05
CA GLY B 16 -6.80 -1.69 -16.94
C GLY B 16 -7.00 -2.81 -15.94
N PHE B 17 -7.85 -2.58 -14.94
CA PHE B 17 -8.09 -3.56 -13.91
C PHE B 17 -8.72 -4.84 -14.47
N PHE B 18 -9.55 -4.71 -15.49
CA PHE B 18 -10.16 -5.86 -16.13
C PHE B 18 -9.09 -6.68 -16.86
N GLY B 19 -8.29 -6.00 -17.67
CA GLY B 19 -7.26 -6.64 -18.46
C GLY B 19 -6.20 -7.32 -17.62
N LEU B 20 -5.70 -6.61 -16.61
CA LEU B 20 -4.65 -7.14 -15.74
C LEU B 20 -5.14 -8.35 -14.95
N THR B 21 -6.41 -8.31 -14.54
CA THR B 21 -7.02 -9.43 -13.83
C THR B 21 -7.05 -10.66 -14.71
N ILE B 22 -7.46 -10.47 -15.97
CA ILE B 22 -7.47 -11.54 -16.95
C ILE B 22 -6.08 -12.10 -17.18
N ALA B 23 -5.12 -11.22 -17.44
CA ALA B 23 -3.75 -11.62 -17.74
C ALA B 23 -3.11 -12.35 -16.57
N GLU B 24 -3.35 -11.86 -15.35
CA GLU B 24 -2.76 -12.45 -14.15
C GLU B 24 -3.33 -13.85 -13.88
N ARG B 25 -4.63 -14.00 -14.03
CA ARG B 25 -5.28 -15.28 -13.77
C ARG B 25 -4.84 -16.35 -14.76
N VAL B 26 -4.78 -15.98 -16.04
CA VAL B 26 -4.39 -16.92 -17.09
C VAL B 26 -2.94 -17.36 -16.94
N ALA B 27 -2.07 -16.42 -16.58
CA ALA B 27 -0.65 -16.70 -16.46
C ALA B 27 -0.31 -17.57 -15.26
N THR B 28 -0.82 -17.20 -14.09
CA THR B 28 -0.42 -17.85 -12.85
C THR B 28 -1.20 -19.14 -12.56
N GLN B 29 -2.43 -19.24 -13.06
CA GLN B 29 -3.28 -20.38 -12.73
C GLN B 29 -3.33 -21.43 -13.85
N LEU B 30 -2.96 -21.03 -15.07
CA LEU B 30 -3.02 -21.94 -16.20
C LEU B 30 -1.64 -22.15 -16.83
N ASP B 31 -0.65 -21.41 -16.36
CA ASP B 31 0.71 -21.45 -16.91
C ASP B 31 0.69 -21.18 -18.42
N LYS B 32 0.10 -20.04 -18.78
CA LYS B 32 0.02 -19.63 -20.19
C LYS B 32 0.66 -18.26 -20.38
N ARG B 33 1.24 -18.04 -21.55
CA ARG B 33 1.89 -16.77 -21.84
C ARG B 33 0.92 -15.76 -22.43
N VAL B 34 0.88 -14.58 -21.82
CA VAL B 34 -0.07 -13.54 -22.18
C VAL B 34 0.63 -12.27 -22.63
N LEU B 35 0.20 -11.72 -23.76
CA LEU B 35 0.70 -10.43 -24.22
C LEU B 35 -0.32 -9.33 -23.97
N VAL B 36 0.03 -8.39 -23.10
CA VAL B 36 -0.87 -7.28 -22.80
C VAL B 36 -0.47 -6.05 -23.60
N LEU B 37 -1.41 -5.55 -24.41
CA LEU B 37 -1.14 -4.39 -25.26
C LEU B 37 -1.86 -3.16 -24.73
N GLU B 38 -1.08 -2.13 -24.39
CA GLU B 38 -1.63 -0.90 -23.84
C GLU B 38 -1.33 0.28 -24.75
N ARG B 39 -2.36 1.06 -25.07
CA ARG B 39 -2.22 2.22 -25.92
C ARG B 39 -1.48 3.34 -25.19
N ARG B 40 -1.82 3.53 -23.92
CA ARG B 40 -1.20 4.55 -23.09
C ARG B 40 0.26 4.21 -22.77
N PRO B 41 1.06 5.23 -22.42
CA PRO B 41 2.47 5.01 -22.05
C PRO B 41 2.65 4.41 -20.65
N HIS B 42 1.55 4.02 -20.02
CA HIS B 42 1.61 3.41 -18.70
C HIS B 42 0.49 2.40 -18.52
N ILE B 43 0.62 1.53 -17.51
CA ILE B 43 -0.40 0.52 -17.24
C ILE B 43 -1.41 1.02 -16.23
N GLY B 44 -2.50 0.27 -16.06
CA GLY B 44 -3.49 0.57 -15.05
C GLY B 44 -4.69 1.34 -15.54
N GLY B 45 -4.61 1.88 -16.74
CA GLY B 45 -5.70 2.65 -17.31
C GLY B 45 -5.92 3.95 -16.57
N ASN B 46 -7.17 4.19 -16.18
CA ASN B 46 -7.52 5.40 -15.44
C ASN B 46 -7.11 5.31 -13.97
N ALA B 47 -6.77 4.11 -13.53
CA ALA B 47 -6.38 3.88 -12.14
C ALA B 47 -4.93 4.26 -11.90
N TYR B 48 -4.21 4.59 -12.97
CA TYR B 48 -2.80 4.97 -12.86
C TYR B 48 -2.62 6.22 -12.00
N SER B 49 -1.75 6.13 -11.01
CA SER B 49 -1.46 7.25 -10.13
C SER B 49 -0.01 7.69 -10.26
N GLU B 50 0.32 8.84 -9.71
CA GLU B 50 1.67 9.39 -9.82
C GLU B 50 1.97 10.36 -8.69
N ALA B 51 3.18 10.27 -8.15
CA ALA B 51 3.60 11.13 -7.05
C ALA B 51 3.94 12.52 -7.54
N GLU B 52 3.23 13.52 -7.00
CA GLU B 52 3.50 14.92 -7.34
C GLU B 52 4.89 15.31 -6.83
N PRO B 53 5.72 15.87 -7.73
CA PRO B 53 7.13 16.19 -7.45
C PRO B 53 7.37 17.04 -6.20
N GLN B 54 6.59 18.10 -6.03
CA GLN B 54 6.85 19.07 -4.96
C GLN B 54 6.40 18.59 -3.57
N THR B 55 5.43 17.67 -3.54
CA THR B 55 4.86 17.24 -2.27
C THR B 55 5.05 15.76 -1.99
N GLY B 56 5.20 14.97 -3.05
CA GLY B 56 5.33 13.53 -2.92
C GLY B 56 3.97 12.87 -2.79
N ILE B 57 2.92 13.67 -2.87
CA ILE B 57 1.55 13.19 -2.74
C ILE B 57 1.10 12.43 -3.98
N GLU B 58 0.62 11.21 -3.77
CA GLU B 58 0.09 10.40 -4.86
C GLU B 58 -1.12 11.05 -5.50
N VAL B 59 -1.06 11.26 -6.81
CA VAL B 59 -2.14 11.90 -7.53
C VAL B 59 -2.82 10.97 -8.52
N HIS B 60 -4.13 10.79 -8.36
CA HIS B 60 -4.91 10.00 -9.29
C HIS B 60 -5.14 10.80 -10.57
N LYS B 61 -4.30 10.56 -11.56
CA LYS B 61 -4.27 11.38 -12.78
C LYS B 61 -5.59 11.44 -13.53
N TYR B 62 -6.29 10.31 -13.59
CA TYR B 62 -7.55 10.24 -14.35
C TYR B 62 -8.76 10.16 -13.44
N GLY B 63 -8.75 10.98 -12.39
CA GLY B 63 -9.87 11.04 -11.46
C GLY B 63 -9.66 10.22 -10.21
N ALA B 64 -10.23 10.69 -9.10
CA ALA B 64 -10.07 10.04 -7.80
C ALA B 64 -10.63 8.62 -7.81
N HIS B 65 -9.78 7.66 -7.48
CA HIS B 65 -10.19 6.26 -7.39
C HIS B 65 -10.23 5.79 -5.94
N LEU B 66 -11.41 5.35 -5.50
CA LEU B 66 -11.60 4.86 -4.14
C LEU B 66 -12.10 3.42 -4.19
N PHE B 67 -11.31 2.48 -3.69
CA PHE B 67 -11.70 1.07 -3.76
C PHE B 67 -12.68 0.70 -2.65
N HIS B 68 -13.68 -0.09 -3.03
CA HIS B 68 -14.72 -0.52 -2.10
C HIS B 68 -15.48 -1.71 -2.67
N THR B 69 -15.80 -2.68 -1.83
CA THR B 69 -16.55 -3.86 -2.26
C THR B 69 -17.15 -4.62 -1.09
N SER B 70 -18.17 -5.42 -1.38
CA SER B 70 -18.76 -6.32 -0.40
C SER B 70 -18.45 -7.76 -0.79
N ASN B 71 -17.75 -7.91 -1.92
CA ASN B 71 -17.36 -9.22 -2.41
C ASN B 71 -16.02 -9.64 -1.81
N LYS B 72 -16.06 -10.59 -0.88
CA LYS B 72 -14.86 -11.03 -0.18
C LYS B 72 -13.87 -11.73 -1.12
N ARG B 73 -14.40 -12.42 -2.14
CA ARG B 73 -13.54 -13.08 -3.10
C ARG B 73 -12.68 -12.06 -3.84
N VAL B 74 -13.30 -10.96 -4.25
CA VAL B 74 -12.58 -9.86 -4.87
C VAL B 74 -11.61 -9.22 -3.87
N TRP B 75 -12.10 -9.03 -2.64
CA TRP B 75 -11.31 -8.43 -1.57
C TRP B 75 -10.08 -9.28 -1.26
N ASP B 76 -10.25 -10.59 -1.24
CA ASP B 76 -9.13 -11.50 -0.99
C ASP B 76 -8.17 -11.55 -2.17
N TYR B 77 -8.72 -11.40 -3.38
CA TYR B 77 -7.93 -11.44 -4.60
C TYR B 77 -7.02 -10.22 -4.72
N VAL B 78 -7.58 -9.04 -4.51
CA VAL B 78 -6.83 -7.79 -4.68
C VAL B 78 -5.79 -7.59 -3.58
N ARG B 79 -6.00 -8.23 -2.43
CA ARG B 79 -5.09 -8.12 -1.31
C ARG B 79 -3.83 -8.95 -1.54
N GLN B 80 -3.83 -9.74 -2.60
CA GLN B 80 -2.66 -10.55 -2.97
C GLN B 80 -1.61 -9.69 -3.67
N PHE B 81 -2.00 -8.49 -4.06
CA PHE B 81 -1.13 -7.62 -4.84
C PHE B 81 -0.85 -6.30 -4.13
N THR B 82 -1.63 -6.01 -3.09
CA THR B 82 -1.47 -4.75 -2.36
C THR B 82 -2.13 -4.81 -0.99
N ASP B 83 -1.69 -3.92 -0.09
CA ASP B 83 -2.34 -3.74 1.19
C ASP B 83 -3.27 -2.53 1.09
N PHE B 84 -4.24 -2.45 2.00
CA PHE B 84 -5.18 -1.34 2.00
C PHE B 84 -5.19 -0.60 3.34
N THR B 85 -5.29 0.71 3.27
CA THR B 85 -5.47 1.53 4.47
C THR B 85 -6.92 1.39 4.93
N ASP B 86 -7.21 1.82 6.15
CA ASP B 86 -8.57 1.78 6.67
C ASP B 86 -9.30 3.08 6.35
N TYR B 87 -8.92 3.70 5.24
CA TYR B 87 -9.55 4.94 4.80
C TYR B 87 -11.01 4.71 4.43
N ARG B 88 -11.89 5.55 4.96
CA ARG B 88 -13.31 5.49 4.62
C ARG B 88 -13.69 6.77 3.89
N HIS B 89 -14.06 6.64 2.62
CA HIS B 89 -14.32 7.79 1.77
C HIS B 89 -15.56 8.58 2.20
N ARG B 90 -15.39 9.89 2.27
CA ARG B 90 -16.50 10.79 2.60
C ARG B 90 -16.49 12.00 1.68
N VAL B 91 -17.68 12.46 1.31
CA VAL B 91 -17.83 13.58 0.39
C VAL B 91 -18.68 14.69 1.03
N PHE B 92 -18.27 15.94 0.82
CA PHE B 92 -19.06 17.08 1.26
C PHE B 92 -19.55 17.86 0.05
N ALA B 93 -20.78 18.36 0.13
CA ALA B 93 -21.41 19.05 -0.99
C ALA B 93 -21.44 20.56 -0.78
N MET B 94 -21.03 21.30 -1.82
CA MET B 94 -21.04 22.76 -1.76
C MET B 94 -22.30 23.31 -2.43
N HIS B 95 -23.14 23.97 -1.65
CA HIS B 95 -24.39 24.53 -2.17
C HIS B 95 -24.67 25.89 -1.55
N ASN B 96 -24.77 26.91 -2.41
CA ASN B 96 -25.01 28.28 -1.99
C ASN B 96 -24.01 28.78 -0.95
N GLY B 97 -22.74 28.50 -1.17
CA GLY B 97 -21.68 28.97 -0.29
C GLY B 97 -21.67 28.31 1.07
N GLN B 98 -22.22 27.10 1.15
CA GLN B 98 -22.25 26.36 2.40
C GLN B 98 -21.87 24.89 2.18
N ALA B 99 -20.98 24.39 3.03
CA ALA B 99 -20.59 22.98 2.96
C ALA B 99 -21.62 22.11 3.65
N TYR B 100 -22.08 21.08 2.93
CA TYR B 100 -23.10 20.19 3.46
C TYR B 100 -22.60 18.76 3.66
N GLN B 101 -23.12 18.10 4.69
CA GLN B 101 -22.86 16.68 4.89
C GLN B 101 -23.52 15.90 3.76
N PHE B 102 -22.87 14.84 3.30
CA PHE B 102 -23.31 14.12 2.11
C PHE B 102 -22.94 12.64 2.23
N PRO B 103 -23.76 11.75 1.66
CA PRO B 103 -24.98 12.01 0.87
C PRO B 103 -26.24 12.12 1.73
N MET B 104 -27.31 11.48 1.27
CA MET B 104 -28.60 11.52 1.95
C MET B 104 -28.52 10.94 3.36
N GLY B 105 -28.72 11.78 4.35
CA GLY B 105 -28.69 11.37 5.74
C GLY B 105 -29.19 12.46 6.66
N LEU B 106 -29.15 12.21 7.96
CA LEU B 106 -29.60 13.19 8.94
C LEU B 106 -28.74 14.45 8.92
N GLY B 107 -27.48 14.30 8.53
CA GLY B 107 -26.58 15.42 8.42
C GLY B 107 -27.01 16.37 7.32
N LEU B 108 -27.27 15.80 6.14
CA LEU B 108 -27.71 16.58 4.98
C LEU B 108 -29.05 17.27 5.24
N VAL B 109 -30.00 16.52 5.79
CA VAL B 109 -31.35 17.02 6.02
C VAL B 109 -31.38 18.14 7.06
N SER B 110 -30.74 17.92 8.20
CA SER B 110 -30.77 18.87 9.31
C SER B 110 -30.18 20.22 8.94
N GLN B 111 -29.20 20.22 8.03
CA GLN B 111 -28.56 21.46 7.59
C GLN B 111 -29.43 22.22 6.59
N PHE B 112 -29.95 21.49 5.61
CA PHE B 112 -30.72 22.11 4.52
C PHE B 112 -32.08 22.58 4.98
N PHE B 113 -32.61 21.98 6.04
CA PHE B 113 -33.95 22.33 6.52
C PHE B 113 -33.89 23.10 7.85
N GLY B 114 -32.69 23.50 8.25
CA GLY B 114 -32.52 24.44 9.34
C GLY B 114 -32.69 23.90 10.75
N LYS B 115 -33.15 22.66 10.89
CA LYS B 115 -33.33 22.07 12.22
C LYS B 115 -33.12 20.56 12.20
N TYR B 116 -32.87 20.00 13.38
CA TYR B 116 -32.60 18.57 13.51
C TYR B 116 -33.84 17.71 13.33
N PHE B 117 -33.77 16.80 12.37
CA PHE B 117 -34.84 15.83 12.14
C PHE B 117 -34.46 14.47 12.70
N THR B 118 -35.30 13.92 13.56
CA THR B 118 -35.09 12.56 14.07
C THR B 118 -35.24 11.57 12.91
N PRO B 119 -34.63 10.37 13.04
CA PRO B 119 -34.75 9.34 12.00
C PRO B 119 -36.19 9.10 11.54
N GLU B 120 -37.13 9.16 12.48
CA GLU B 120 -38.54 8.99 12.14
C GLU B 120 -39.08 10.23 11.46
N GLN B 121 -38.70 11.41 11.97
CA GLN B 121 -39.13 12.67 11.38
C GLN B 121 -38.53 12.89 10.00
N ALA B 122 -37.34 12.33 9.79
CA ALA B 122 -36.67 12.44 8.50
C ALA B 122 -37.44 11.69 7.42
N ARG B 123 -37.81 10.46 7.73
CA ARG B 123 -38.57 9.63 6.80
C ARG B 123 -39.91 10.28 6.46
N GLN B 124 -40.50 10.96 7.43
CA GLN B 124 -41.77 11.65 7.23
C GLN B 124 -41.64 12.77 6.20
N LEU B 125 -40.61 13.59 6.35
CA LEU B 125 -40.39 14.72 5.46
C LEU B 125 -40.11 14.28 4.03
N ILE B 126 -39.23 13.30 3.88
CA ILE B 126 -38.81 12.83 2.56
C ILE B 126 -39.96 12.13 1.83
N ALA B 127 -40.77 11.39 2.58
CA ALA B 127 -41.92 10.67 2.00
C ALA B 127 -42.90 11.66 1.39
N GLU B 128 -43.06 12.82 2.02
CA GLU B 128 -43.92 13.86 1.49
C GLU B 128 -43.36 14.45 0.20
N GLN B 129 -42.08 14.79 0.22
CA GLN B 129 -41.43 15.46 -0.89
C GLN B 129 -41.10 14.50 -2.03
N ALA B 130 -41.40 13.22 -1.84
CA ALA B 130 -41.18 12.21 -2.87
C ALA B 130 -42.49 11.53 -3.26
N ALA B 131 -43.60 12.26 -3.10
CA ALA B 131 -44.92 11.69 -3.32
C ALA B 131 -45.28 11.59 -4.79
N GLU B 132 -44.75 12.50 -5.60
CA GLU B 132 -45.13 12.60 -7.01
C GLU B 132 -44.80 11.37 -7.84
N ILE B 133 -43.94 10.50 -7.31
CA ILE B 133 -43.63 9.25 -7.99
C ILE B 133 -43.16 8.19 -6.98
N ASP B 134 -43.36 6.92 -7.32
CA ASP B 134 -42.96 5.83 -6.44
C ASP B 134 -41.60 5.27 -6.88
N THR B 135 -40.78 4.89 -5.91
CA THR B 135 -39.42 4.45 -6.18
C THR B 135 -39.38 3.11 -6.92
N ALA B 136 -40.46 2.36 -6.84
CA ALA B 136 -40.55 1.06 -7.50
C ALA B 136 -40.91 1.24 -8.97
N ASP B 137 -41.46 2.41 -9.31
CA ASP B 137 -41.90 2.69 -10.67
C ASP B 137 -40.98 3.69 -11.37
N ALA B 138 -39.84 3.98 -10.72
CA ALA B 138 -38.88 4.93 -11.28
C ALA B 138 -38.16 4.33 -12.49
N GLN B 139 -37.99 5.14 -13.53
CA GLN B 139 -37.39 4.66 -14.77
C GLN B 139 -36.09 5.40 -15.07
N ASN B 140 -36.09 6.72 -14.91
CA ASN B 140 -34.93 7.53 -15.21
C ASN B 140 -34.23 8.04 -13.95
N LEU B 141 -33.16 8.81 -14.14
CA LEU B 141 -32.38 9.34 -13.04
C LEU B 141 -33.20 10.29 -12.17
N GLU B 142 -33.90 11.22 -12.81
CA GLU B 142 -34.68 12.22 -12.09
C GLU B 142 -35.78 11.58 -11.25
N GLU B 143 -36.55 10.68 -11.85
CA GLU B 143 -37.63 10.01 -11.14
C GLU B 143 -37.12 9.18 -9.97
N LYS B 144 -35.96 8.55 -10.17
CA LYS B 144 -35.38 7.71 -9.13
C LYS B 144 -34.75 8.56 -8.03
N ALA B 145 -34.19 9.69 -8.41
CA ALA B 145 -33.57 10.60 -7.44
C ALA B 145 -34.62 11.25 -6.56
N ILE B 146 -35.68 11.75 -7.18
CA ILE B 146 -36.77 12.40 -6.47
C ILE B 146 -37.48 11.42 -5.53
N SER B 147 -37.66 10.19 -5.99
CA SER B 147 -38.37 9.19 -5.21
C SER B 147 -37.55 8.68 -4.02
N LEU B 148 -36.27 9.06 -3.95
CA LEU B 148 -35.39 8.59 -2.89
C LEU B 148 -35.06 9.68 -1.87
N ILE B 149 -34.90 10.91 -2.33
CA ILE B 149 -34.48 12.00 -1.44
C ILE B 149 -35.44 13.19 -1.47
N GLY B 150 -36.49 13.10 -2.30
CA GLY B 150 -37.43 14.20 -2.42
C GLY B 150 -37.02 15.18 -3.49
N ARG B 151 -37.95 16.03 -3.92
CA ARG B 151 -37.68 16.99 -4.98
C ARG B 151 -36.81 18.19 -4.56
N PRO B 152 -37.09 18.83 -3.41
CA PRO B 152 -36.25 19.99 -3.06
C PRO B 152 -34.78 19.62 -2.84
N LEU B 153 -34.52 18.42 -2.35
CA LEU B 153 -33.15 17.94 -2.20
C LEU B 153 -32.58 17.57 -3.56
N TYR B 154 -33.43 17.05 -4.44
CA TYR B 154 -33.04 16.76 -5.81
C TYR B 154 -32.66 18.05 -6.53
N GLU B 155 -33.38 19.12 -6.22
CA GLU B 155 -33.18 20.42 -6.85
C GLU B 155 -31.80 20.98 -6.52
N ALA B 156 -31.43 20.91 -5.25
CA ALA B 156 -30.22 21.57 -4.75
C ALA B 156 -28.94 20.76 -4.97
N PHE B 157 -29.02 19.45 -4.77
CA PHE B 157 -27.81 18.63 -4.71
C PHE B 157 -27.66 17.64 -5.86
N VAL B 158 -28.67 17.50 -6.70
CA VAL B 158 -28.61 16.53 -7.79
C VAL B 158 -28.73 17.17 -9.17
N LYS B 159 -29.75 18.00 -9.35
CA LYS B 159 -30.08 18.57 -10.66
C LYS B 159 -28.92 19.36 -11.26
N GLY B 160 -28.29 20.21 -10.46
CA GLY B 160 -27.17 21.00 -10.92
C GLY B 160 -25.95 20.16 -11.24
N TYR B 161 -25.61 19.26 -10.33
CA TYR B 161 -24.47 18.37 -10.49
C TYR B 161 -24.63 17.48 -11.71
N THR B 162 -25.84 16.92 -11.87
CA THR B 162 -26.14 16.02 -12.98
C THR B 162 -26.04 16.75 -14.31
N ALA B 163 -26.37 18.04 -14.31
CA ALA B 163 -26.33 18.86 -15.51
C ALA B 163 -24.91 19.04 -16.03
N LYS B 164 -23.98 19.29 -15.11
CA LYS B 164 -22.59 19.53 -15.48
C LYS B 164 -21.85 18.24 -15.82
N GLN B 165 -22.27 17.14 -15.19
CA GLN B 165 -21.60 15.86 -15.38
C GLN B 165 -22.02 15.17 -16.68
N TRP B 166 -23.30 15.28 -17.02
CA TRP B 166 -23.83 14.55 -18.18
C TRP B 166 -24.22 15.47 -19.34
N GLN B 167 -24.73 16.65 -19.00
CA GLN B 167 -25.31 17.56 -19.99
C GLN B 167 -26.40 16.85 -20.78
N THR B 168 -27.13 15.99 -20.07
CA THR B 168 -28.23 15.24 -20.65
C THR B 168 -29.44 15.35 -19.73
N ASP B 169 -30.61 15.56 -20.32
CA ASP B 169 -31.84 15.68 -19.55
C ASP B 169 -32.04 14.45 -18.66
N PRO B 170 -32.17 14.67 -17.34
CA PRO B 170 -32.23 13.62 -16.32
C PRO B 170 -33.35 12.59 -16.55
N LYS B 171 -34.35 12.94 -17.35
CA LYS B 171 -35.41 12.00 -17.69
C LYS B 171 -34.95 11.02 -18.77
N GLU B 172 -33.78 11.28 -19.34
CA GLU B 172 -33.21 10.40 -20.35
C GLU B 172 -31.96 9.69 -19.83
N LEU B 173 -31.68 9.85 -18.55
CA LEU B 173 -30.52 9.21 -17.91
C LEU B 173 -30.96 8.00 -17.10
N PRO B 174 -30.11 6.96 -17.04
CA PRO B 174 -30.40 5.72 -16.30
C PRO B 174 -30.65 5.98 -14.81
N ALA B 175 -31.53 5.20 -14.22
CA ALA B 175 -31.86 5.33 -12.80
C ALA B 175 -30.76 4.72 -11.93
N ALA B 176 -29.92 3.88 -12.54
CA ALA B 176 -28.85 3.20 -11.82
C ALA B 176 -27.74 4.18 -11.43
N ASN B 177 -27.68 5.32 -12.11
CA ASN B 177 -26.65 6.32 -11.85
C ASN B 177 -26.78 6.96 -10.47
N ILE B 178 -28.01 7.28 -10.08
CA ILE B 178 -28.25 7.96 -8.81
C ILE B 178 -28.28 6.98 -7.65
N THR B 179 -28.50 5.70 -7.94
CA THR B 179 -28.57 4.68 -6.90
C THR B 179 -27.19 4.19 -6.49
N ARG B 180 -26.15 4.74 -7.13
CA ARG B 180 -24.79 4.48 -6.71
C ARG B 180 -24.54 5.11 -5.35
N LEU B 181 -25.22 6.23 -5.09
CA LEU B 181 -25.15 6.90 -3.81
C LEU B 181 -26.09 6.24 -2.81
N PRO B 182 -25.62 6.04 -1.57
CA PRO B 182 -26.43 5.44 -0.51
C PRO B 182 -27.49 6.40 0.02
N VAL B 183 -28.68 5.87 0.31
CA VAL B 183 -29.73 6.65 0.94
C VAL B 183 -29.89 6.21 2.39
N ARG B 184 -29.59 7.12 3.32
CA ARG B 184 -29.63 6.79 4.73
C ARG B 184 -30.50 7.76 5.53
N TYR B 185 -30.90 7.32 6.71
CA TYR B 185 -31.64 8.18 7.64
C TYR B 185 -30.91 8.20 8.99
N THR B 186 -29.60 8.13 8.93
CA THR B 186 -28.75 8.25 10.10
C THR B 186 -27.72 9.37 9.87
N PHE B 187 -26.72 9.45 10.74
CA PHE B 187 -25.67 10.44 10.58
C PHE B 187 -24.44 9.82 9.90
N ASP B 188 -24.60 8.58 9.46
CA ASP B 188 -23.54 7.89 8.72
C ASP B 188 -23.34 8.54 7.36
N ASN B 189 -22.27 9.32 7.24
CA ASN B 189 -22.00 10.04 5.99
C ASN B 189 -20.92 9.38 5.14
N ARG B 190 -20.78 8.07 5.26
CA ARG B 190 -19.87 7.32 4.41
C ARG B 190 -20.42 7.27 2.99
N TYR B 191 -19.58 7.65 2.02
CA TYR B 191 -20.04 7.78 0.64
C TYR B 191 -20.31 6.43 -0.01
N PHE B 192 -19.76 5.36 0.57
CA PHE B 192 -20.00 4.01 0.06
C PHE B 192 -20.66 3.15 1.13
N SER B 193 -21.35 2.11 0.68
CA SER B 193 -22.04 1.21 1.60
C SER B 193 -21.56 -0.23 1.40
N ASP B 194 -20.24 -0.42 1.40
CA ASP B 194 -19.66 -1.75 1.21
C ASP B 194 -18.96 -2.24 2.47
N THR B 195 -18.76 -3.55 2.56
CA THR B 195 -18.11 -4.16 3.71
C THR B 195 -16.64 -3.75 3.80
N TYR B 196 -15.94 -3.86 2.67
CA TYR B 196 -14.52 -3.55 2.63
C TYR B 196 -14.26 -2.27 1.84
N GLU B 197 -13.32 -1.46 2.33
CA GLU B 197 -13.02 -0.18 1.72
C GLU B 197 -11.64 0.33 2.15
N GLY B 198 -10.92 0.95 1.24
CA GLY B 198 -9.63 1.54 1.55
C GLY B 198 -8.83 1.93 0.33
N LEU B 199 -7.71 2.60 0.56
CA LEU B 199 -6.79 2.99 -0.50
C LEU B 199 -5.55 2.10 -0.46
N PRO B 200 -4.98 1.81 -1.64
CA PRO B 200 -3.74 1.03 -1.69
C PRO B 200 -2.61 1.71 -0.93
N THR B 201 -2.03 1.00 0.04
CA THR B 201 -1.03 1.55 0.93
C THR B 201 0.16 2.16 0.19
N ASP B 202 0.63 1.45 -0.84
CA ASP B 202 1.79 1.88 -1.60
C ASP B 202 1.41 2.52 -2.94
N GLY B 203 0.15 2.93 -3.06
CA GLY B 203 -0.33 3.57 -4.27
C GLY B 203 -0.93 2.60 -5.26
N TYR B 204 -1.57 3.14 -6.29
CA TYR B 204 -2.24 2.32 -7.29
C TYR B 204 -1.27 1.69 -8.28
N THR B 205 -0.27 2.45 -8.71
CA THR B 205 0.71 1.96 -9.68
C THR B 205 1.42 0.71 -9.18
N ALA B 206 1.80 0.71 -7.90
CA ALA B 206 2.45 -0.45 -7.29
C ALA B 206 1.51 -1.65 -7.30
N TRP B 207 0.24 -1.40 -6.98
CA TRP B 207 -0.80 -2.42 -7.02
C TRP B 207 -0.92 -3.00 -8.43
N LEU B 208 -1.03 -2.11 -9.41
CA LEU B 208 -1.20 -2.52 -10.80
C LEU B 208 0.03 -3.26 -11.34
N GLN B 209 1.21 -2.79 -10.96
CA GLN B 209 2.46 -3.40 -11.40
C GLN B 209 2.65 -4.79 -10.81
N ASN B 210 2.12 -5.01 -9.60
CA ASN B 210 2.21 -6.32 -8.96
C ASN B 210 1.32 -7.35 -9.64
N MET B 211 0.26 -6.88 -10.31
CA MET B 211 -0.64 -7.78 -11.01
C MET B 211 -0.07 -8.22 -12.36
N ALA B 212 0.84 -7.43 -12.90
CA ALA B 212 1.44 -7.72 -14.20
C ALA B 212 2.91 -8.10 -14.06
N ALA B 213 3.32 -8.39 -12.83
CA ALA B 213 4.72 -8.68 -12.54
C ALA B 213 5.16 -10.06 -13.02
N ASP B 214 4.20 -10.97 -13.19
CA ASP B 214 4.51 -12.34 -13.58
C ASP B 214 5.26 -12.38 -14.91
N HIS B 215 6.30 -13.21 -14.99
CA HIS B 215 7.17 -13.25 -16.15
C HIS B 215 6.46 -13.78 -17.40
N ARG B 216 5.38 -14.52 -17.19
CA ARG B 216 4.59 -15.04 -18.29
C ARG B 216 3.69 -13.96 -18.89
N ILE B 217 3.68 -12.80 -18.24
CA ILE B 217 2.92 -11.65 -18.74
C ILE B 217 3.85 -10.59 -19.34
N GLU B 218 3.67 -10.31 -20.62
CA GLU B 218 4.42 -9.23 -21.26
C GLU B 218 3.48 -8.05 -21.55
N VAL B 219 3.94 -6.86 -21.18
CA VAL B 219 3.15 -5.65 -21.42
C VAL B 219 3.87 -4.72 -22.39
N ARG B 220 3.24 -4.48 -23.54
CA ARG B 220 3.79 -3.56 -24.52
C ARG B 220 3.09 -2.22 -24.47
N LEU B 221 3.74 -1.23 -23.88
CA LEU B 221 3.17 0.10 -23.75
C LEU B 221 3.30 0.87 -25.07
N ASN B 222 2.50 1.93 -25.20
CA ASN B 222 2.48 2.75 -26.41
C ASN B 222 2.23 1.91 -27.66
N THR B 223 1.34 0.92 -27.54
CA THR B 223 1.05 0.02 -28.65
C THR B 223 -0.45 -0.19 -28.82
N ASP B 224 -1.00 0.37 -29.89
CA ASP B 224 -2.42 0.21 -30.19
C ASP B 224 -2.67 -1.14 -30.83
N TRP B 225 -3.75 -1.79 -30.42
CA TRP B 225 -4.09 -3.13 -30.91
C TRP B 225 -4.38 -3.14 -32.40
N PHE B 226 -4.97 -2.04 -32.90
CA PHE B 226 -5.33 -1.96 -34.31
C PHE B 226 -4.14 -1.55 -35.17
N ASP B 227 -2.96 -1.53 -34.57
CA ASP B 227 -1.74 -1.18 -35.29
C ASP B 227 -0.78 -2.37 -35.37
N VAL B 228 -1.09 -3.43 -34.64
CA VAL B 228 -0.18 -4.57 -34.54
C VAL B 228 -0.87 -5.93 -34.63
N ARG B 229 -2.20 -5.94 -34.62
CA ARG B 229 -2.94 -7.20 -34.62
C ARG B 229 -2.72 -8.00 -35.90
N GLY B 230 -2.46 -7.30 -36.99
CA GLY B 230 -2.21 -7.96 -38.26
C GLY B 230 -0.89 -8.72 -38.27
N GLN B 231 0.00 -8.32 -37.36
CA GLN B 231 1.32 -8.92 -37.27
C GLN B 231 1.40 -9.95 -36.14
N LEU B 232 0.66 -9.71 -35.07
CA LEU B 232 0.71 -10.56 -33.89
C LEU B 232 -0.14 -11.82 -34.01
N ARG B 233 -1.39 -11.65 -34.41
CA ARG B 233 -2.35 -12.76 -34.47
C ARG B 233 -1.93 -13.95 -35.35
N PRO B 234 -1.31 -13.68 -36.53
CA PRO B 234 -0.84 -14.86 -37.27
C PRO B 234 0.30 -15.60 -36.56
N GLY B 235 0.98 -14.92 -35.64
CA GLY B 235 2.02 -15.54 -34.84
C GLY B 235 1.44 -16.48 -33.82
N SER B 236 0.26 -16.13 -33.30
CA SER B 236 -0.46 -16.98 -32.36
C SER B 236 -1.92 -17.12 -32.79
N PRO B 237 -2.17 -17.95 -33.80
CA PRO B 237 -3.49 -18.10 -34.44
C PRO B 237 -4.59 -18.55 -33.49
N ALA B 238 -4.29 -19.52 -32.64
CA ALA B 238 -5.29 -20.11 -31.75
C ALA B 238 -5.51 -19.28 -30.50
N ALA B 239 -4.73 -18.21 -30.34
CA ALA B 239 -4.82 -17.36 -29.17
C ALA B 239 -6.03 -16.44 -29.23
N PRO B 240 -6.88 -16.49 -28.19
CA PRO B 240 -8.04 -15.61 -28.07
C PRO B 240 -7.64 -14.16 -27.83
N VAL B 241 -8.62 -13.25 -27.89
CA VAL B 241 -8.35 -11.84 -27.65
C VAL B 241 -9.35 -11.24 -26.66
N VAL B 242 -8.85 -10.78 -25.52
CA VAL B 242 -9.69 -10.08 -24.55
C VAL B 242 -9.56 -8.57 -24.79
N TYR B 243 -10.57 -8.00 -25.43
CA TYR B 243 -10.57 -6.59 -25.78
C TYR B 243 -11.29 -5.76 -24.72
N THR B 244 -10.62 -4.74 -24.20
CA THR B 244 -11.18 -3.91 -23.14
C THR B 244 -11.24 -2.44 -23.54
N GLY B 245 -11.00 -2.15 -24.82
CA GLY B 245 -11.13 -0.80 -25.33
C GLY B 245 -12.57 -0.49 -25.66
N PRO B 246 -12.82 0.70 -26.23
CA PRO B 246 -14.18 1.10 -26.63
C PRO B 246 -14.82 0.10 -27.59
N LEU B 247 -16.05 -0.31 -27.29
CA LEU B 247 -16.74 -1.31 -28.08
C LEU B 247 -17.03 -0.82 -29.51
N ASP B 248 -17.41 0.44 -29.64
CA ASP B 248 -17.76 1.00 -30.94
C ASP B 248 -16.54 1.26 -31.80
N ARG B 249 -15.42 1.58 -31.18
CA ARG B 249 -14.20 1.86 -31.93
C ARG B 249 -13.61 0.57 -32.50
N TYR B 250 -14.00 -0.57 -31.92
CA TYR B 250 -13.55 -1.87 -32.39
C TYR B 250 -14.09 -2.15 -33.79
N PHE B 251 -15.29 -1.66 -34.06
CA PHE B 251 -15.92 -1.85 -35.36
C PHE B 251 -15.91 -0.56 -36.18
N ASP B 252 -14.96 0.32 -35.86
CA ASP B 252 -14.81 1.60 -36.55
C ASP B 252 -16.09 2.44 -36.56
N TYR B 253 -16.88 2.31 -35.50
CA TYR B 253 -18.14 3.03 -35.39
C TYR B 253 -19.06 2.78 -36.59
N ALA B 254 -19.05 1.55 -37.09
CA ALA B 254 -19.78 1.19 -38.30
C ALA B 254 -21.29 1.37 -38.13
N GLU B 255 -21.79 1.05 -36.93
CA GLU B 255 -23.22 1.14 -36.66
C GLU B 255 -23.58 2.48 -36.03
N GLY B 256 -22.55 3.28 -35.74
CA GLY B 256 -22.75 4.58 -35.12
C GLY B 256 -21.92 4.78 -33.88
N ARG B 257 -21.77 6.02 -33.44
CA ARG B 257 -20.99 6.34 -32.25
C ARG B 257 -21.84 6.30 -30.99
N LEU B 258 -21.35 5.60 -29.98
CA LEU B 258 -22.03 5.53 -28.68
C LEU B 258 -21.85 6.83 -27.91
N GLY B 259 -22.79 7.10 -27.02
CA GLY B 259 -22.72 8.30 -26.19
C GLY B 259 -21.75 8.14 -25.05
N TRP B 260 -20.71 8.96 -25.04
CA TRP B 260 -19.71 8.92 -23.98
C TRP B 260 -19.52 10.28 -23.33
N ARG B 261 -19.20 10.27 -22.03
CA ARG B 261 -18.78 11.48 -21.33
C ARG B 261 -17.31 11.36 -20.98
N THR B 262 -16.55 12.43 -21.21
CA THR B 262 -15.13 12.42 -20.89
C THR B 262 -14.83 13.40 -19.75
N LEU B 263 -13.59 13.42 -19.29
CA LEU B 263 -13.21 14.28 -18.17
C LEU B 263 -11.90 15.02 -18.41
N ASP B 264 -11.87 16.28 -18.02
CA ASP B 264 -10.66 17.08 -18.06
C ASP B 264 -10.28 17.49 -16.65
N PHE B 265 -8.98 17.49 -16.34
CA PHE B 265 -8.53 17.77 -14.98
C PHE B 265 -7.53 18.91 -14.93
N GLU B 266 -7.64 19.72 -13.88
CA GLU B 266 -6.69 20.79 -13.63
C GLU B 266 -5.94 20.55 -12.32
N VAL B 267 -4.76 19.94 -12.43
CA VAL B 267 -3.93 19.69 -11.26
C VAL B 267 -3.13 20.94 -10.90
N GLU B 268 -3.23 21.36 -9.64
CA GLU B 268 -2.55 22.57 -9.20
C GLU B 268 -1.96 22.39 -7.80
N VAL B 269 -0.72 22.85 -7.64
CA VAL B 269 -0.05 22.80 -6.34
C VAL B 269 -0.08 24.17 -5.68
N LEU B 270 -0.91 24.30 -4.64
CA LEU B 270 -1.09 25.56 -3.94
C LEU B 270 -0.03 25.76 -2.86
N PRO B 271 0.36 27.02 -2.62
CA PRO B 271 1.35 27.35 -1.58
C PRO B 271 0.74 27.37 -0.18
N ILE B 272 -0.35 26.64 0.03
CA ILE B 272 -0.96 26.49 1.34
C ILE B 272 -1.02 25.02 1.73
N GLY B 273 -1.09 24.76 3.03
CA GLY B 273 -1.08 23.39 3.52
C GLY B 273 -2.40 22.65 3.35
N ASP B 274 -3.49 23.40 3.34
CA ASP B 274 -4.82 22.78 3.25
C ASP B 274 -5.79 23.69 2.49
N PHE B 275 -6.37 23.15 1.41
CA PHE B 275 -7.25 23.94 0.55
C PHE B 275 -8.72 23.89 0.99
N GLN B 276 -9.25 22.69 1.20
CA GLN B 276 -10.66 22.54 1.53
C GLN B 276 -10.89 21.68 2.77
N GLY B 277 -9.81 21.11 3.30
CA GLY B 277 -9.88 20.34 4.53
C GLY B 277 -10.64 19.02 4.41
N THR B 278 -10.72 18.50 3.19
CA THR B 278 -11.37 17.22 2.94
C THR B 278 -10.91 16.63 1.62
N ALA B 279 -11.16 15.34 1.44
CA ALA B 279 -10.72 14.62 0.24
C ALA B 279 -11.39 15.15 -1.02
N VAL B 280 -12.72 15.07 -1.06
CA VAL B 280 -13.48 15.48 -2.23
C VAL B 280 -14.64 16.41 -1.87
N MET B 281 -14.67 17.58 -2.51
CA MET B 281 -15.75 18.54 -2.29
C MET B 281 -16.62 18.67 -3.53
N ASN B 282 -17.86 18.22 -3.44
CA ASN B 282 -18.80 18.33 -4.55
C ASN B 282 -19.34 19.75 -4.71
N TYR B 283 -19.32 20.24 -5.95
CA TYR B 283 -19.89 21.55 -6.25
C TYR B 283 -21.18 21.39 -7.05
N ASN B 284 -22.31 21.61 -6.38
CA ASN B 284 -23.62 21.34 -6.97
C ASN B 284 -24.25 22.53 -7.66
N ASP B 285 -23.68 23.72 -7.44
CA ASP B 285 -24.21 24.94 -8.04
C ASP B 285 -23.63 25.15 -9.44
N LEU B 286 -24.41 25.76 -10.32
CA LEU B 286 -24.02 25.92 -11.72
C LEU B 286 -23.22 27.20 -11.97
N ASP B 287 -22.95 27.96 -10.92
CA ASP B 287 -22.13 29.16 -11.06
C ASP B 287 -20.65 28.79 -11.06
N VAL B 288 -20.37 27.50 -11.17
CA VAL B 288 -19.02 26.96 -11.17
C VAL B 288 -18.89 25.85 -12.22
N PRO B 289 -17.86 25.95 -13.07
CA PRO B 289 -17.67 25.03 -14.20
C PRO B 289 -17.37 23.59 -13.82
N TYR B 290 -16.60 23.37 -12.75
CA TYR B 290 -16.18 22.03 -12.39
C TYR B 290 -17.19 21.32 -11.49
N THR B 291 -17.20 19.99 -11.54
CA THR B 291 -18.14 19.19 -10.76
C THR B 291 -17.67 19.02 -9.32
N ARG B 292 -16.36 18.91 -9.13
CA ARG B 292 -15.80 18.68 -7.80
C ARG B 292 -14.30 18.97 -7.75
N ILE B 293 -13.77 19.10 -6.54
CA ILE B 293 -12.34 19.31 -6.35
C ILE B 293 -11.76 18.26 -5.41
N HIS B 294 -10.70 17.59 -5.86
CA HIS B 294 -10.03 16.59 -5.05
C HIS B 294 -8.79 17.17 -4.39
N GLU B 295 -8.61 16.90 -3.10
CA GLU B 295 -7.37 17.26 -2.42
C GLU B 295 -6.72 15.98 -1.90
N PHE B 296 -5.69 15.53 -2.61
CA PHE B 296 -5.14 14.19 -2.42
C PHE B 296 -4.37 13.97 -1.13
N ARG B 297 -4.12 15.03 -0.36
CA ARG B 297 -3.42 14.87 0.91
C ARG B 297 -4.35 14.26 1.95
N HIS B 298 -5.65 14.48 1.77
CA HIS B 298 -6.65 13.97 2.70
C HIS B 298 -7.04 12.53 2.34
N PHE B 299 -6.52 12.05 1.22
CA PHE B 299 -6.72 10.67 0.82
C PHE B 299 -5.90 9.74 1.70
N HIS B 300 -4.69 10.16 2.05
CA HIS B 300 -3.83 9.40 2.92
C HIS B 300 -3.42 10.22 4.14
N PRO B 301 -4.32 10.32 5.14
CA PRO B 301 -4.02 11.08 6.35
C PRO B 301 -2.98 10.38 7.23
N GLU B 302 -2.81 9.08 7.03
CA GLU B 302 -1.84 8.32 7.81
C GLU B 302 -0.42 8.68 7.38
N ARG B 303 -0.28 9.17 6.15
CA ARG B 303 0.99 9.68 5.67
C ARG B 303 1.14 11.14 6.06
N ASP B 304 2.33 11.52 6.52
CA ASP B 304 2.59 12.92 6.88
C ASP B 304 3.24 13.66 5.72
N TYR B 305 2.51 14.61 5.14
CA TYR B 305 3.03 15.42 4.06
C TYR B 305 3.39 16.81 4.55
N ARG B 306 4.12 17.56 3.71
CA ARG B 306 4.50 18.92 4.04
C ARG B 306 3.27 19.79 4.23
N THR B 307 3.34 20.71 5.19
CA THR B 307 2.18 21.53 5.55
C THR B 307 2.27 22.95 4.99
N ASP B 308 3.11 23.13 3.98
CA ASP B 308 3.26 24.43 3.33
C ASP B 308 2.75 24.39 1.90
N LYS B 309 2.47 23.19 1.41
CA LYS B 309 1.94 23.01 0.06
C LYS B 309 0.89 21.90 0.02
N THR B 310 -0.06 22.03 -0.91
CA THR B 310 -1.08 21.01 -1.11
C THR B 310 -1.36 20.83 -2.60
N VAL B 311 -1.93 19.70 -2.96
CA VAL B 311 -2.22 19.40 -4.36
C VAL B 311 -3.71 19.18 -4.58
N ILE B 312 -4.32 20.03 -5.39
CA ILE B 312 -5.74 19.89 -5.71
C ILE B 312 -5.96 19.62 -7.19
N MET B 313 -7.12 19.07 -7.52
CA MET B 313 -7.46 18.77 -8.90
C MET B 313 -8.93 19.05 -9.19
N ARG B 314 -9.19 20.06 -10.02
CA ARG B 314 -10.54 20.40 -10.42
C ARG B 314 -11.00 19.52 -11.57
N GLU B 315 -12.17 18.92 -11.42
CA GLU B 315 -12.68 17.95 -12.39
C GLU B 315 -13.75 18.55 -13.30
N TYR B 316 -13.50 18.50 -14.60
CA TYR B 316 -14.44 19.05 -15.58
C TYR B 316 -15.01 17.95 -16.47
N SER B 317 -16.28 18.09 -16.82
CA SER B 317 -16.97 17.06 -17.61
C SER B 317 -17.54 17.61 -18.92
N ARG B 318 -17.36 16.86 -20.00
CA ARG B 318 -17.88 17.24 -21.30
C ARG B 318 -18.10 16.00 -22.16
N PHE B 319 -18.71 16.19 -23.33
CA PHE B 319 -18.96 15.08 -24.24
C PHE B 319 -17.66 14.58 -24.88
N ALA B 320 -17.48 13.27 -24.89
CA ALA B 320 -16.29 12.67 -25.46
C ALA B 320 -16.32 12.72 -26.98
N GLU B 321 -15.27 13.29 -27.57
CA GLU B 321 -15.16 13.38 -29.01
C GLU B 321 -14.43 12.17 -29.58
N ASP B 322 -13.97 12.28 -30.82
CA ASP B 322 -13.31 11.18 -31.50
C ASP B 322 -11.96 10.83 -30.88
N ASP B 323 -11.13 11.85 -30.68
CA ASP B 323 -9.77 11.65 -30.15
C ASP B 323 -9.78 11.46 -28.65
N ASP B 324 -10.86 11.87 -28.00
CA ASP B 324 -10.98 11.79 -26.55
C ASP B 324 -10.99 10.36 -26.03
N GLU B 325 -10.53 10.18 -24.80
CA GLU B 325 -10.66 8.92 -24.11
C GLU B 325 -11.98 8.89 -23.36
N PRO B 326 -12.79 7.86 -23.59
CA PRO B 326 -14.10 7.73 -22.94
C PRO B 326 -14.02 7.37 -21.46
N TYR B 327 -14.79 8.07 -20.64
CA TYR B 327 -14.78 7.83 -19.19
C TYR B 327 -16.11 7.24 -18.72
N TYR B 328 -17.21 7.82 -19.18
CA TYR B 328 -18.54 7.40 -18.76
C TYR B 328 -19.43 7.02 -19.94
N PRO B 329 -20.08 5.85 -19.86
CA PRO B 329 -21.16 5.53 -20.80
C PRO B 329 -22.44 6.25 -20.40
N ILE B 330 -23.08 6.93 -21.35
CA ILE B 330 -24.29 7.69 -21.04
C ILE B 330 -25.50 6.77 -20.92
N ASN B 331 -25.58 5.78 -21.81
CA ASN B 331 -26.63 4.76 -21.78
C ASN B 331 -28.05 5.32 -21.85
N THR B 332 -28.33 6.11 -22.87
CA THR B 332 -29.68 6.58 -23.13
C THR B 332 -30.45 5.51 -23.89
N GLU B 333 -31.70 5.80 -24.24
CA GLU B 333 -32.51 4.88 -25.03
C GLU B 333 -31.87 4.64 -26.38
N ALA B 334 -31.32 5.70 -26.96
CA ALA B 334 -30.63 5.60 -28.24
C ALA B 334 -29.33 4.82 -28.11
N ASP B 335 -28.63 5.03 -27.01
CA ASP B 335 -27.36 4.36 -26.75
C ASP B 335 -27.54 2.87 -26.52
N ARG B 336 -28.56 2.51 -25.72
CA ARG B 336 -28.85 1.11 -25.42
C ARG B 336 -29.24 0.35 -26.67
N ALA B 337 -29.92 1.02 -27.60
CA ALA B 337 -30.27 0.43 -28.88
C ALA B 337 -29.02 0.17 -29.70
N LEU B 338 -28.13 1.15 -29.74
CA LEU B 338 -26.88 1.04 -30.47
C LEU B 338 -25.98 -0.02 -29.84
N LEU B 339 -26.05 -0.12 -28.51
CA LEU B 339 -25.29 -1.11 -27.77
C LEU B 339 -25.72 -2.53 -28.13
N ALA B 340 -27.01 -2.71 -28.34
CA ALA B 340 -27.56 -4.01 -28.69
C ALA B 340 -27.05 -4.49 -30.04
N THR B 341 -26.81 -3.54 -30.94
CA THR B 341 -26.29 -3.85 -32.27
C THR B 341 -24.85 -4.32 -32.18
N TYR B 342 -24.02 -3.54 -31.49
CA TYR B 342 -22.60 -3.86 -31.33
C TYR B 342 -22.41 -5.14 -30.53
N ARG B 343 -23.32 -5.41 -29.62
CA ARG B 343 -23.29 -6.65 -28.84
C ARG B 343 -23.45 -7.84 -29.78
N ALA B 344 -24.30 -7.68 -30.78
CA ALA B 344 -24.52 -8.72 -31.79
C ALA B 344 -23.29 -8.87 -32.69
N ARG B 345 -22.67 -7.74 -33.00
CA ARG B 345 -21.43 -7.73 -33.79
C ARG B 345 -20.31 -8.38 -32.99
N ALA B 346 -20.32 -8.13 -31.68
CA ALA B 346 -19.32 -8.69 -30.77
C ALA B 346 -19.50 -10.19 -30.60
N LYS B 347 -20.76 -10.62 -30.52
CA LYS B 347 -21.09 -12.03 -30.38
C LYS B 347 -20.67 -12.81 -31.62
N SER B 348 -20.65 -12.12 -32.76
CA SER B 348 -20.21 -12.72 -34.01
C SER B 348 -18.69 -12.76 -34.09
N GLU B 349 -18.04 -11.73 -33.55
CA GLU B 349 -16.59 -11.65 -33.52
C GLU B 349 -16.00 -12.72 -32.61
N THR B 350 -16.70 -13.02 -31.53
CA THR B 350 -16.30 -14.08 -30.61
C THR B 350 -16.33 -15.42 -31.32
N ALA B 351 -17.32 -15.59 -32.20
CA ALA B 351 -17.49 -16.82 -32.96
C ALA B 351 -16.44 -16.96 -34.05
N SER B 352 -16.23 -15.89 -34.80
CA SER B 352 -15.38 -15.93 -35.98
C SER B 352 -13.89 -15.83 -35.66
N SER B 353 -13.51 -14.83 -34.86
CA SER B 353 -12.09 -14.55 -34.62
C SER B 353 -11.69 -14.64 -33.14
N LYS B 354 -12.49 -15.35 -32.34
CA LYS B 354 -12.18 -15.59 -30.93
C LYS B 354 -11.86 -14.32 -30.14
N VAL B 355 -12.63 -13.27 -30.35
CA VAL B 355 -12.41 -12.01 -29.66
C VAL B 355 -13.46 -11.77 -28.58
N LEU B 356 -13.02 -11.75 -27.32
CA LEU B 356 -13.91 -11.50 -26.20
C LEU B 356 -13.99 -10.00 -25.90
N PHE B 357 -15.07 -9.59 -25.23
CA PHE B 357 -15.28 -8.20 -24.90
C PHE B 357 -15.62 -8.05 -23.42
N GLY B 358 -14.80 -7.28 -22.71
CA GLY B 358 -15.02 -7.07 -21.29
C GLY B 358 -14.50 -5.74 -20.81
N GLY B 359 -14.93 -5.33 -19.62
CA GLY B 359 -14.46 -4.09 -19.03
C GLY B 359 -15.44 -2.94 -19.15
N ARG B 360 -15.02 -1.77 -18.68
N ARG B 360 -15.04 -1.78 -18.67
CA ARG B 360 -15.85 -0.58 -18.69
CA ARG B 360 -15.87 -0.59 -18.71
C ARG B 360 -16.11 -0.09 -20.12
C ARG B 360 -16.13 -0.15 -20.15
N LEU B 361 -15.06 -0.03 -20.92
CA LEU B 361 -15.16 0.42 -22.29
C LEU B 361 -15.62 -0.69 -23.23
N GLY B 362 -15.25 -1.92 -22.91
CA GLY B 362 -15.55 -3.05 -23.76
C GLY B 362 -17.01 -3.50 -23.76
N THR B 363 -17.74 -3.13 -22.71
CA THR B 363 -19.12 -3.56 -22.57
C THR B 363 -20.09 -2.40 -22.42
N TYR B 364 -19.56 -1.17 -22.49
CA TYR B 364 -20.36 0.04 -22.34
C TYR B 364 -21.11 0.03 -21.02
N GLN B 365 -20.38 -0.23 -19.93
CA GLN B 365 -21.00 -0.35 -18.61
C GLN B 365 -20.40 0.62 -17.60
N TYR B 366 -21.25 1.13 -16.71
CA TYR B 366 -20.82 1.99 -15.62
C TYR B 366 -20.17 1.13 -14.53
N LEU B 367 -18.89 0.79 -14.73
CA LEU B 367 -18.21 -0.14 -13.84
C LEU B 367 -17.24 0.53 -12.87
N ASP B 368 -17.37 0.16 -11.60
CA ASP B 368 -16.38 0.51 -10.59
C ASP B 368 -15.23 -0.50 -10.69
N MET B 369 -14.16 -0.26 -9.94
CA MET B 369 -12.99 -1.13 -9.99
C MET B 369 -13.30 -2.55 -9.57
N HIS B 370 -14.00 -2.70 -8.44
CA HIS B 370 -14.30 -4.02 -7.90
C HIS B 370 -15.25 -4.81 -8.81
N MET B 371 -16.17 -4.11 -9.46
CA MET B 371 -17.11 -4.75 -10.37
C MET B 371 -16.41 -5.16 -11.66
N ALA B 372 -15.40 -4.38 -12.05
CA ALA B 372 -14.60 -4.69 -13.23
C ALA B 372 -13.75 -5.93 -12.96
N ILE B 373 -13.20 -6.01 -11.76
CA ILE B 373 -12.39 -7.15 -11.35
C ILE B 373 -13.25 -8.40 -11.20
N ALA B 374 -14.44 -8.23 -10.59
CA ALA B 374 -15.38 -9.33 -10.43
C ALA B 374 -15.85 -9.84 -11.78
N SER B 375 -16.00 -8.91 -12.73
CA SER B 375 -16.41 -9.27 -14.09
C SER B 375 -15.34 -10.09 -14.79
N ALA B 376 -14.09 -9.68 -14.61
CA ALA B 376 -12.96 -10.36 -15.25
C ALA B 376 -12.78 -11.77 -14.69
N LEU B 377 -13.05 -11.91 -13.40
CA LEU B 377 -12.97 -13.22 -12.75
C LEU B 377 -14.04 -14.15 -13.30
N ASN B 378 -15.23 -13.61 -13.54
CA ASN B 378 -16.33 -14.39 -14.10
C ASN B 378 -16.02 -14.83 -15.53
N MET B 379 -15.47 -13.92 -16.32
CA MET B 379 -15.09 -14.23 -17.69
C MET B 379 -14.02 -15.31 -17.70
N TYR B 380 -13.09 -15.24 -16.75
CA TYR B 380 -12.05 -16.24 -16.63
C TYR B 380 -12.62 -17.60 -16.25
N ASP B 381 -13.38 -17.62 -15.14
CA ASP B 381 -13.92 -18.87 -14.60
C ASP B 381 -14.83 -19.62 -15.57
N ASN B 382 -15.69 -18.89 -16.26
CA ASN B 382 -16.75 -19.51 -17.05
C ASN B 382 -16.50 -19.53 -18.56
N VAL B 383 -15.65 -18.64 -19.05
CA VAL B 383 -15.43 -18.53 -20.49
C VAL B 383 -13.98 -18.82 -20.90
N LEU B 384 -13.05 -18.03 -20.37
CA LEU B 384 -11.66 -18.10 -20.81
C LEU B 384 -10.94 -19.38 -20.40
N ALA B 385 -10.95 -19.69 -19.11
CA ALA B 385 -10.24 -20.87 -18.59
C ALA B 385 -10.70 -22.19 -19.21
N PRO B 386 -12.03 -22.42 -19.35
CA PRO B 386 -12.42 -23.68 -19.98
C PRO B 386 -11.95 -23.79 -21.43
N HIS B 387 -11.71 -22.65 -22.07
CA HIS B 387 -11.24 -22.64 -23.45
C HIS B 387 -9.74 -22.94 -23.54
N LEU B 388 -8.95 -22.21 -22.76
CA LEU B 388 -7.50 -22.32 -22.80
C LEU B 388 -6.99 -23.61 -22.16
N ARG B 389 -7.87 -24.32 -21.47
CA ARG B 389 -7.48 -25.52 -20.74
C ARG B 389 -8.23 -26.77 -21.21
N ASP B 390 -9.55 -26.65 -21.36
CA ASP B 390 -10.37 -27.80 -21.70
C ASP B 390 -10.93 -27.76 -23.12
N GLY B 391 -10.52 -26.76 -23.89
CA GLY B 391 -10.87 -26.66 -25.30
C GLY B 391 -12.32 -26.34 -25.58
N VAL B 392 -13.02 -25.83 -24.57
CA VAL B 392 -14.43 -25.46 -24.72
C VAL B 392 -14.54 -24.16 -25.51
N PRO B 393 -15.50 -24.08 -26.45
CA PRO B 393 -15.66 -22.86 -27.26
C PRO B 393 -15.96 -21.62 -26.41
N LEU B 394 -15.76 -20.45 -26.99
CA LEU B 394 -15.93 -19.20 -26.26
C LEU B 394 -17.39 -18.76 -26.24
N LEU B 395 -18.06 -18.93 -27.37
CA LEU B 395 -19.45 -18.52 -27.53
C LEU B 395 -20.42 -19.29 -26.66
N GLN B 396 -20.27 -20.62 -26.62
CA GLN B 396 -21.19 -21.50 -25.91
C GLN B 396 -21.42 -21.05 -24.46
N THR C 5 4.26 -21.65 53.99
CA THR C 5 4.00 -21.13 52.65
C THR C 5 2.73 -20.31 52.61
N ALA C 6 2.74 -19.24 51.82
CA ALA C 6 1.61 -18.33 51.73
C ALA C 6 0.52 -18.85 50.78
N ARG C 7 -0.68 -18.31 50.90
CA ARG C 7 -1.77 -18.63 49.99
C ARG C 7 -1.57 -17.92 48.65
N PHE C 8 -1.31 -16.62 48.73
CA PHE C 8 -1.12 -15.83 47.52
C PHE C 8 0.20 -15.07 47.55
N ASP C 9 0.65 -14.66 46.36
CA ASP C 9 1.87 -13.88 46.24
C ASP C 9 1.54 -12.41 46.07
N LEU C 10 0.26 -12.11 45.89
CA LEU C 10 -0.19 -10.74 45.64
C LEU C 10 -1.67 -10.53 45.95
N PHE C 11 -2.00 -9.33 46.41
CA PHE C 11 -3.39 -8.94 46.61
C PHE C 11 -3.74 -7.75 45.71
N VAL C 12 -4.82 -7.88 44.96
CA VAL C 12 -5.29 -6.79 44.10
C VAL C 12 -6.70 -6.38 44.49
N VAL C 13 -6.86 -5.11 44.85
CA VAL C 13 -8.15 -4.58 45.24
C VAL C 13 -8.81 -3.88 44.05
N GLY C 14 -9.94 -4.43 43.61
CA GLY C 14 -10.65 -3.89 42.47
C GLY C 14 -10.31 -4.65 41.20
N SER C 15 -11.34 -4.97 40.42
CA SER C 15 -11.17 -5.74 39.20
C SER C 15 -11.38 -4.89 37.95
N GLY C 16 -10.98 -3.63 38.03
CA GLY C 16 -11.04 -2.74 36.88
C GLY C 16 -9.92 -3.08 35.91
N PHE C 17 -9.74 -2.25 34.88
CA PHE C 17 -8.71 -2.50 33.89
C PHE C 17 -7.31 -2.44 34.49
N PHE C 18 -7.12 -1.57 35.49
CA PHE C 18 -5.84 -1.47 36.17
C PHE C 18 -5.55 -2.74 36.95
N GLY C 19 -6.53 -3.17 37.75
CA GLY C 19 -6.37 -4.33 38.60
C GLY C 19 -6.16 -5.62 37.83
N LEU C 20 -6.98 -5.83 36.80
CA LEU C 20 -6.89 -7.05 36.00
C LEU C 20 -5.58 -7.10 35.22
N THR C 21 -5.09 -5.95 34.79
CA THR C 21 -3.81 -5.88 34.08
C THR C 21 -2.68 -6.31 35.00
N ILE C 22 -2.69 -5.77 36.22
CA ILE C 22 -1.72 -6.14 37.25
C ILE C 22 -1.79 -7.63 37.56
N ALA C 23 -3.01 -8.12 37.79
CA ALA C 23 -3.23 -9.51 38.14
C ALA C 23 -2.79 -10.47 37.03
N GLU C 24 -3.13 -10.12 35.79
CA GLU C 24 -2.79 -10.96 34.64
C GLU C 24 -1.29 -11.03 34.42
N ARG C 25 -0.62 -9.87 34.51
CA ARG C 25 0.81 -9.80 34.28
C ARG C 25 1.59 -10.60 35.33
N VAL C 26 1.21 -10.45 36.59
CA VAL C 26 1.87 -11.15 37.67
C VAL C 26 1.65 -12.66 37.57
N ALA C 27 0.44 -13.05 37.22
CA ALA C 27 0.07 -14.46 37.14
C ALA C 27 0.77 -15.19 36.00
N THR C 28 0.72 -14.61 34.81
CA THR C 28 1.20 -15.28 33.61
C THR C 28 2.71 -15.14 33.37
N GLN C 29 3.28 -14.01 33.78
CA GLN C 29 4.69 -13.74 33.52
C GLN C 29 5.60 -14.15 34.68
N LEU C 30 5.09 -14.03 35.90
CA LEU C 30 5.90 -14.34 37.08
C LEU C 30 5.54 -15.70 37.67
N ASP C 31 4.51 -16.34 37.12
CA ASP C 31 4.03 -17.63 37.62
C ASP C 31 3.69 -17.53 39.11
N LYS C 32 2.88 -16.54 39.47
CA LYS C 32 2.51 -16.34 40.86
C LYS C 32 0.99 -16.27 41.05
N ARG C 33 0.56 -16.48 42.29
CA ARG C 33 -0.87 -16.57 42.59
C ARG C 33 -1.43 -15.26 43.11
N VAL C 34 -2.50 -14.79 42.48
CA VAL C 34 -3.08 -13.49 42.81
C VAL C 34 -4.53 -13.61 43.26
N LEU C 35 -4.87 -12.91 44.35
CA LEU C 35 -6.25 -12.83 44.80
C LEU C 35 -6.83 -11.46 44.47
N VAL C 36 -7.78 -11.43 43.53
CA VAL C 36 -8.45 -10.19 43.17
C VAL C 36 -9.75 -10.06 43.95
N LEU C 37 -9.93 -8.94 44.63
CA LEU C 37 -11.11 -8.72 45.47
C LEU C 37 -11.95 -7.57 44.96
N GLU C 38 -13.22 -7.87 44.66
CA GLU C 38 -14.11 -6.87 44.08
C GLU C 38 -15.35 -6.66 44.93
N ARG C 39 -15.62 -5.39 45.23
CA ARG C 39 -16.78 -5.00 46.02
C ARG C 39 -18.07 -5.37 45.31
N ARG C 40 -18.03 -5.33 43.99
CA ARG C 40 -19.23 -5.47 43.18
C ARG C 40 -19.50 -6.92 42.78
N PRO C 41 -20.76 -7.21 42.37
CA PRO C 41 -21.09 -8.57 41.90
C PRO C 41 -20.49 -8.90 40.54
N HIS C 42 -19.85 -7.93 39.89
CA HIS C 42 -19.24 -8.16 38.59
C HIS C 42 -17.81 -7.61 38.53
N ILE C 43 -17.03 -8.10 37.57
CA ILE C 43 -15.68 -7.58 37.35
C ILE C 43 -15.71 -6.47 36.30
N GLY C 44 -14.59 -5.79 36.15
CA GLY C 44 -14.43 -4.81 35.08
C GLY C 44 -14.69 -3.37 35.47
N GLY C 45 -15.21 -3.16 36.68
CA GLY C 45 -15.50 -1.81 37.13
C GLY C 45 -16.64 -1.17 36.37
N ASN C 46 -16.38 0.01 35.81
CA ASN C 46 -17.39 0.73 35.03
C ASN C 46 -17.44 0.25 33.59
N ALA C 47 -16.41 -0.50 33.19
CA ALA C 47 -16.32 -1.00 31.83
C ALA C 47 -17.20 -2.24 31.63
N TYR C 48 -17.76 -2.75 32.72
CA TYR C 48 -18.64 -3.91 32.65
C TYR C 48 -19.89 -3.61 31.84
N SER C 49 -20.23 -4.51 30.93
CA SER C 49 -21.39 -4.32 30.06
C SER C 49 -22.33 -5.52 30.12
N GLU C 50 -23.57 -5.31 29.69
CA GLU C 50 -24.56 -6.37 29.64
C GLU C 50 -25.44 -6.24 28.41
N ALA C 51 -25.88 -7.38 27.88
CA ALA C 51 -26.78 -7.39 26.74
C ALA C 51 -28.20 -7.11 27.18
N GLU C 52 -28.81 -6.07 26.60
CA GLU C 52 -30.20 -5.74 26.89
C GLU C 52 -31.11 -6.87 26.43
N PRO C 53 -31.96 -7.38 27.34
CA PRO C 53 -32.81 -8.56 27.12
C PRO C 53 -33.66 -8.49 25.85
N GLN C 54 -34.34 -7.37 25.63
CA GLN C 54 -35.28 -7.26 24.52
C GLN C 54 -34.60 -7.17 23.15
N THR C 55 -33.45 -6.51 23.10
CA THR C 55 -32.79 -6.25 21.83
C THR C 55 -31.53 -7.08 21.62
N GLY C 56 -30.85 -7.42 22.71
CA GLY C 56 -29.60 -8.16 22.62
C GLY C 56 -28.43 -7.21 22.48
N ILE C 57 -28.72 -5.91 22.46
CA ILE C 57 -27.69 -4.89 22.31
C ILE C 57 -26.86 -4.74 23.58
N GLU C 58 -25.54 -4.73 23.40
CA GLU C 58 -24.62 -4.54 24.53
C GLU C 58 -24.79 -3.14 25.12
N VAL C 59 -24.93 -3.09 26.44
CA VAL C 59 -25.13 -1.80 27.12
C VAL C 59 -24.02 -1.52 28.11
N HIS C 60 -23.26 -0.46 27.84
CA HIS C 60 -22.25 0.02 28.79
C HIS C 60 -22.98 0.55 30.02
N LYS C 61 -23.03 -0.27 31.07
CA LYS C 61 -23.81 0.01 32.26
C LYS C 61 -23.49 1.36 32.90
N TYR C 62 -22.22 1.61 33.13
CA TYR C 62 -21.80 2.82 33.83
C TYR C 62 -21.05 3.78 32.93
N GLY C 63 -21.67 4.18 31.84
CA GLY C 63 -21.07 5.13 30.92
C GLY C 63 -20.48 4.49 29.70
N ALA C 64 -20.64 5.15 28.56
CA ALA C 64 -20.14 4.67 27.28
C ALA C 64 -18.62 4.60 27.27
N HIS C 65 -18.08 3.40 27.06
CA HIS C 65 -16.64 3.20 27.02
C HIS C 65 -16.16 2.96 25.58
N LEU C 66 -15.34 3.88 25.09
CA LEU C 66 -14.77 3.76 23.75
C LEU C 66 -13.25 3.65 23.84
N PHE C 67 -12.71 2.51 23.43
CA PHE C 67 -11.28 2.28 23.55
C PHE C 67 -10.49 2.93 22.41
N HIS C 68 -9.39 3.56 22.76
CA HIS C 68 -8.55 4.28 21.80
C HIS C 68 -7.17 4.53 22.39
N THR C 69 -6.13 4.35 21.58
CA THR C 69 -4.77 4.58 22.04
C THR C 69 -3.80 4.79 20.88
N SER C 70 -2.65 5.39 21.18
CA SER C 70 -1.58 5.55 20.22
C SER C 70 -0.39 4.72 20.64
N ASN C 71 -0.47 4.16 21.85
CA ASN C 71 0.55 3.26 22.37
C ASN C 71 0.39 1.87 21.77
N LYS C 72 1.41 1.39 21.09
CA LYS C 72 1.34 0.09 20.42
C LYS C 72 1.53 -1.05 21.41
N ARG C 73 2.30 -0.81 22.47
CA ARG C 73 2.52 -1.82 23.49
C ARG C 73 1.22 -2.14 24.21
N VAL C 74 0.43 -1.11 24.47
CA VAL C 74 -0.90 -1.29 25.06
C VAL C 74 -1.82 -1.97 24.05
N TRP C 75 -1.70 -1.57 22.79
CA TRP C 75 -2.54 -2.11 21.72
C TRP C 75 -2.29 -3.59 21.47
N ASP C 76 -1.02 -4.00 21.49
CA ASP C 76 -0.67 -5.40 21.31
C ASP C 76 -1.11 -6.23 22.51
N TYR C 77 -1.10 -5.60 23.69
CA TYR C 77 -1.46 -6.28 24.93
C TYR C 77 -2.95 -6.56 25.02
N VAL C 78 -3.78 -5.56 24.70
CA VAL C 78 -5.22 -5.69 24.81
C VAL C 78 -5.80 -6.63 23.76
N ARG C 79 -5.09 -6.80 22.65
CA ARG C 79 -5.57 -7.66 21.57
C ARG C 79 -5.29 -9.14 21.88
N GLN C 80 -4.68 -9.39 23.02
CA GLN C 80 -4.43 -10.77 23.47
C GLN C 80 -5.66 -11.35 24.14
N PHE C 81 -6.61 -10.47 24.47
CA PHE C 81 -7.79 -10.88 25.22
C PHE C 81 -9.07 -10.64 24.44
N THR C 82 -8.96 -9.86 23.35
CA THR C 82 -10.12 -9.54 22.53
C THR C 82 -9.72 -9.00 21.16
N ASP C 83 -10.62 -9.15 20.19
CA ASP C 83 -10.46 -8.49 18.91
C ASP C 83 -11.20 -7.16 18.95
N PHE C 84 -10.88 -6.27 18.02
CA PHE C 84 -11.52 -4.96 17.98
C PHE C 84 -12.16 -4.68 16.63
N THR C 85 -13.32 -4.04 16.66
CA THR C 85 -13.96 -3.57 15.44
C THR C 85 -13.19 -2.39 14.89
N ASP C 86 -13.48 -2.00 13.65
CA ASP C 86 -12.84 -0.82 13.08
C ASP C 86 -13.71 0.40 13.31
N TYR C 87 -14.50 0.36 14.38
CA TYR C 87 -15.39 1.46 14.75
C TYR C 87 -14.60 2.73 15.06
N ARG C 88 -15.02 3.83 14.44
CA ARG C 88 -14.41 5.13 14.69
C ARG C 88 -15.42 6.04 15.37
N HIS C 89 -15.16 6.41 16.62
CA HIS C 89 -16.14 7.15 17.42
C HIS C 89 -16.33 8.57 16.94
N ARG C 90 -17.59 8.96 16.76
CA ARG C 90 -17.94 10.33 16.38
C ARG C 90 -19.10 10.83 17.22
N VAL C 91 -19.01 12.10 17.62
CA VAL C 91 -20.04 12.70 18.46
C VAL C 91 -20.67 13.89 17.75
N PHE C 92 -21.98 14.05 17.91
CA PHE C 92 -22.68 15.23 17.40
C PHE C 92 -23.17 16.08 18.57
N ALA C 93 -23.43 17.35 18.31
CA ALA C 93 -23.83 18.28 19.35
C ALA C 93 -25.18 18.92 19.06
N MET C 94 -26.08 18.85 20.03
CA MET C 94 -27.41 19.44 19.90
C MET C 94 -27.42 20.86 20.45
N HIS C 95 -27.81 21.82 19.61
CA HIS C 95 -27.84 23.22 20.01
C HIS C 95 -28.94 23.98 19.28
N ASN C 96 -29.85 24.56 20.05
CA ASN C 96 -30.97 25.33 19.51
C ASN C 96 -31.81 24.54 18.51
N GLY C 97 -32.02 23.26 18.80
CA GLY C 97 -32.83 22.41 17.94
C GLY C 97 -32.14 21.99 16.67
N GLN C 98 -30.81 22.15 16.64
CA GLN C 98 -30.02 21.78 15.47
C GLN C 98 -28.85 20.87 15.85
N ALA C 99 -28.64 19.82 15.06
CA ALA C 99 -27.52 18.92 15.27
C ALA C 99 -26.27 19.43 14.57
N TYR C 100 -25.20 19.63 15.34
CA TYR C 100 -23.95 20.15 14.79
C TYR C 100 -22.87 19.09 14.73
N GLN C 101 -21.97 19.23 13.76
CA GLN C 101 -20.78 18.38 13.69
C GLN C 101 -19.86 18.72 14.85
N PHE C 102 -19.09 17.73 15.29
CA PHE C 102 -18.27 17.89 16.49
C PHE C 102 -17.03 16.99 16.38
N PRO C 103 -15.89 17.44 16.95
CA PRO C 103 -15.68 18.66 17.73
C PRO C 103 -15.24 19.86 16.89
N MET C 104 -14.17 20.51 17.32
CA MET C 104 -13.61 21.67 16.62
C MET C 104 -13.20 21.30 15.20
N GLY C 105 -13.91 21.84 14.22
CA GLY C 105 -13.63 21.56 12.83
C GLY C 105 -14.42 22.45 11.89
N LEU C 106 -14.18 22.30 10.58
CA LEU C 106 -14.85 23.11 9.57
C LEU C 106 -16.35 22.87 9.57
N GLY C 107 -16.75 21.61 9.72
CA GLY C 107 -18.15 21.25 9.77
C GLY C 107 -18.89 21.96 10.89
N LEU C 108 -18.26 22.02 12.05
CA LEU C 108 -18.82 22.73 13.20
C LEU C 108 -18.90 24.23 12.92
N VAL C 109 -17.83 24.78 12.36
CA VAL C 109 -17.74 26.20 12.08
C VAL C 109 -18.71 26.64 10.98
N SER C 110 -18.65 25.95 9.84
CA SER C 110 -19.45 26.31 8.68
C SER C 110 -20.95 26.26 8.96
N GLN C 111 -21.35 25.37 9.86
CA GLN C 111 -22.75 25.26 10.25
C GLN C 111 -23.16 26.43 11.14
N PHE C 112 -22.34 26.72 12.15
CA PHE C 112 -22.67 27.72 13.16
C PHE C 112 -22.61 29.14 12.62
N PHE C 113 -21.78 29.35 11.59
CA PHE C 113 -21.60 30.70 11.04
C PHE C 113 -22.24 30.86 9.66
N GLY C 114 -23.11 29.93 9.30
CA GLY C 114 -23.96 30.07 8.13
C GLY C 114 -23.31 29.93 6.76
N LYS C 115 -21.99 29.84 6.71
CA LYS C 115 -21.30 29.71 5.43
C LYS C 115 -20.00 28.91 5.54
N TYR C 116 -19.53 28.40 4.41
CA TYR C 116 -18.33 27.58 4.37
C TYR C 116 -17.06 28.37 4.62
N PHE C 117 -16.23 27.87 5.53
CA PHE C 117 -14.94 28.49 5.84
C PHE C 117 -13.79 27.60 5.40
N THR C 118 -12.94 28.14 4.53
CA THR C 118 -11.73 27.42 4.11
C THR C 118 -10.80 27.28 5.31
N PRO C 119 -9.94 26.24 5.29
CA PRO C 119 -8.98 26.00 6.38
C PRO C 119 -8.21 27.25 6.82
N GLU C 120 -7.86 28.11 5.86
CA GLU C 120 -7.15 29.34 6.18
C GLU C 120 -8.10 30.39 6.73
N GLN C 121 -9.31 30.44 6.15
CA GLN C 121 -10.35 31.37 6.61
C GLN C 121 -10.83 30.97 8.01
N ALA C 122 -10.75 29.68 8.31
CA ALA C 122 -11.19 29.16 9.60
C ALA C 122 -10.25 29.59 10.72
N ARG C 123 -8.95 29.38 10.51
CA ARG C 123 -7.94 29.78 11.49
C ARG C 123 -7.99 31.28 11.75
N GLN C 124 -8.33 32.04 10.71
CA GLN C 124 -8.46 33.49 10.83
C GLN C 124 -9.58 33.89 11.78
N LEU C 125 -10.75 33.31 11.57
CA LEU C 125 -11.93 33.63 12.37
C LEU C 125 -11.74 33.26 13.84
N ILE C 126 -11.07 32.14 14.08
CA ILE C 126 -10.85 31.66 15.45
C ILE C 126 -9.76 32.48 16.14
N ALA C 127 -8.76 32.91 15.38
CA ALA C 127 -7.67 33.72 15.92
C ALA C 127 -8.20 35.03 16.50
N GLU C 128 -9.25 35.57 15.88
CA GLU C 128 -9.88 36.79 16.37
C GLU C 128 -10.55 36.56 17.71
N GLN C 129 -11.38 35.53 17.78
CA GLN C 129 -12.22 35.26 18.94
C GLN C 129 -11.48 34.52 20.06
N ALA C 130 -10.16 34.43 19.93
CA ALA C 130 -9.32 33.82 20.95
C ALA C 130 -8.23 34.80 21.38
N ALA C 131 -8.61 36.05 21.55
CA ALA C 131 -7.65 37.14 21.74
C ALA C 131 -7.17 37.31 23.18
N GLU C 132 -8.12 37.50 24.10
CA GLU C 132 -7.81 37.92 25.47
C GLU C 132 -6.80 37.04 26.20
N ILE C 133 -6.66 35.80 25.78
CA ILE C 133 -5.68 34.90 26.40
C ILE C 133 -5.08 33.95 25.36
N ASP C 134 -3.88 33.46 25.64
CA ASP C 134 -3.19 32.56 24.72
C ASP C 134 -3.04 31.15 25.31
N THR C 135 -2.77 30.18 24.45
CA THR C 135 -2.69 28.79 24.84
C THR C 135 -1.47 28.51 25.73
N ALA C 136 -0.38 29.22 25.46
CA ALA C 136 0.86 29.04 26.22
C ALA C 136 0.69 29.54 27.65
N ASP C 137 -0.27 30.43 27.86
CA ASP C 137 -0.53 30.98 29.19
C ASP C 137 -1.93 30.59 29.67
N ALA C 138 -2.35 29.38 29.32
CA ALA C 138 -3.68 28.89 29.68
C ALA C 138 -3.68 28.28 31.07
N GLN C 139 -4.27 28.98 32.03
CA GLN C 139 -4.33 28.52 33.41
C GLN C 139 -5.37 27.41 33.60
N ASN C 140 -6.63 27.77 33.45
CA ASN C 140 -7.74 26.86 33.72
C ASN C 140 -8.40 26.33 32.45
N LEU C 141 -9.55 25.67 32.64
CA LEU C 141 -10.30 25.10 31.53
C LEU C 141 -10.83 26.20 30.61
N GLU C 142 -11.35 27.27 31.22
CA GLU C 142 -11.93 28.37 30.46
C GLU C 142 -10.91 29.04 29.55
N GLU C 143 -9.79 29.44 30.11
CA GLU C 143 -8.74 30.12 29.35
C GLU C 143 -8.19 29.23 28.23
N LYS C 144 -8.05 27.94 28.52
CA LYS C 144 -7.56 26.99 27.53
C LYS C 144 -8.57 26.77 26.43
N ALA C 145 -9.85 26.75 26.80
CA ALA C 145 -10.93 26.52 25.83
C ALA C 145 -11.07 27.71 24.88
N ILE C 146 -11.00 28.92 25.42
CA ILE C 146 -11.10 30.14 24.62
C ILE C 146 -9.98 30.21 23.59
N SER C 147 -8.77 29.90 24.02
CA SER C 147 -7.59 30.01 23.16
C SER C 147 -7.58 28.94 22.06
N LEU C 148 -8.35 27.87 22.25
CA LEU C 148 -8.34 26.76 21.31
C LEU C 148 -9.48 26.81 20.30
N ILE C 149 -10.66 27.26 20.72
CA ILE C 149 -11.81 27.26 19.83
C ILE C 149 -12.42 28.65 19.63
N GLY C 150 -12.19 29.56 20.56
CA GLY C 150 -12.76 30.89 20.47
C GLY C 150 -13.72 31.21 21.60
N ARG C 151 -14.62 32.16 21.36
CA ARG C 151 -15.56 32.61 22.39
C ARG C 151 -17.04 32.41 22.04
N PRO C 152 -17.48 32.78 20.82
CA PRO C 152 -18.89 32.54 20.52
C PRO C 152 -19.24 31.05 20.52
N LEU C 153 -18.29 30.21 20.11
CA LEU C 153 -18.47 28.76 20.17
C LEU C 153 -18.44 28.28 21.61
N TYR C 154 -17.58 28.93 22.41
CA TYR C 154 -17.44 28.60 23.82
C TYR C 154 -18.74 28.86 24.58
N GLU C 155 -19.52 29.80 24.08
CA GLU C 155 -20.81 30.14 24.70
C GLU C 155 -21.90 29.18 24.23
N ALA C 156 -21.75 28.66 23.01
CA ALA C 156 -22.79 27.84 22.40
C ALA C 156 -22.68 26.36 22.76
N PHE C 157 -21.45 25.86 22.84
CA PHE C 157 -21.24 24.42 23.00
C PHE C 157 -20.53 24.03 24.29
N VAL C 158 -19.63 24.90 24.77
CA VAL C 158 -18.81 24.56 25.93
C VAL C 158 -19.42 25.04 27.25
N LYS C 159 -19.99 26.24 27.22
CA LYS C 159 -20.56 26.84 28.43
C LYS C 159 -21.60 25.96 29.12
N GLY C 160 -22.65 25.60 28.37
CA GLY C 160 -23.72 24.81 28.93
C GLY C 160 -23.31 23.40 29.34
N TYR C 161 -22.51 22.76 28.50
CA TYR C 161 -22.09 21.39 28.76
C TYR C 161 -21.20 21.30 30.00
N THR C 162 -20.20 22.17 30.07
CA THR C 162 -19.26 22.17 31.19
C THR C 162 -19.96 22.50 32.50
N ALA C 163 -21.04 23.28 32.41
CA ALA C 163 -21.80 23.66 33.58
C ALA C 163 -22.57 22.47 34.15
N LYS C 164 -23.04 21.60 33.28
CA LYS C 164 -23.82 20.44 33.71
C LYS C 164 -22.92 19.28 34.12
N GLN C 165 -21.70 19.27 33.61
CA GLN C 165 -20.77 18.18 33.86
C GLN C 165 -20.11 18.28 35.23
N TRP C 166 -19.74 19.51 35.61
CA TRP C 166 -18.98 19.73 36.84
C TRP C 166 -19.73 20.60 37.86
N GLN C 167 -20.55 21.52 37.34
CA GLN C 167 -21.23 22.53 38.17
C GLN C 167 -20.23 23.36 38.97
N THR C 168 -19.00 23.42 38.47
CA THR C 168 -17.94 24.23 39.07
C THR C 168 -17.49 25.26 38.04
N ASP C 169 -17.21 26.48 38.51
CA ASP C 169 -16.82 27.57 37.63
C ASP C 169 -15.64 27.17 36.74
N PRO C 170 -15.76 27.40 35.42
CA PRO C 170 -14.77 26.98 34.42
C PRO C 170 -13.38 27.58 34.63
N LYS C 171 -13.26 28.52 35.56
CA LYS C 171 -11.97 29.12 35.89
C LYS C 171 -11.29 28.35 37.03
N GLU C 172 -12.00 27.36 37.57
CA GLU C 172 -11.47 26.55 38.66
C GLU C 172 -11.21 25.12 38.21
N LEU C 173 -11.48 24.83 36.94
CA LEU C 173 -11.25 23.51 36.38
C LEU C 173 -9.93 23.44 35.63
N PRO C 174 -9.24 22.29 35.72
CA PRO C 174 -7.94 22.11 35.03
C PRO C 174 -8.06 22.23 33.52
N ALA C 175 -6.99 22.71 32.89
CA ALA C 175 -6.98 22.91 31.44
C ALA C 175 -6.85 21.60 30.68
N ALA C 176 -6.51 20.53 31.41
CA ALA C 176 -6.32 19.22 30.80
C ALA C 176 -7.65 18.56 30.46
N ASN C 177 -8.74 19.09 31.00
CA ASN C 177 -10.06 18.53 30.76
C ASN C 177 -10.58 18.82 29.35
N ILE C 178 -10.33 20.03 28.85
CA ILE C 178 -10.83 20.43 27.54
C ILE C 178 -9.86 20.00 26.44
N THR C 179 -8.63 19.64 26.82
CA THR C 179 -7.62 19.21 25.85
C THR C 179 -7.70 17.71 25.60
N ARG C 180 -8.84 17.11 25.96
CA ARG C 180 -9.12 15.72 25.62
C ARG C 180 -9.75 15.68 24.24
N LEU C 181 -10.32 16.81 23.83
CA LEU C 181 -10.91 16.96 22.51
C LEU C 181 -9.88 17.49 21.52
N PRO C 182 -9.79 16.87 20.33
CA PRO C 182 -8.86 17.31 19.30
C PRO C 182 -9.31 18.61 18.63
N VAL C 183 -8.39 19.57 18.52
CA VAL C 183 -8.66 20.82 17.84
C VAL C 183 -8.23 20.74 16.38
N ARG C 184 -9.19 20.84 15.47
CA ARG C 184 -8.90 20.69 14.05
C ARG C 184 -9.44 21.84 13.21
N TYR C 185 -8.89 21.96 12.00
CA TYR C 185 -9.40 22.92 11.02
C TYR C 185 -9.66 22.20 9.70
N THR C 186 -10.07 20.95 9.81
CA THR C 186 -10.48 20.15 8.66
C THR C 186 -11.91 19.68 8.84
N PHE C 187 -12.36 18.78 7.98
CA PHE C 187 -13.70 18.21 8.11
C PHE C 187 -13.67 16.88 8.84
N ASP C 188 -12.47 16.47 9.26
CA ASP C 188 -12.31 15.25 10.03
C ASP C 188 -12.98 15.36 11.38
N ASN C 189 -14.11 14.65 11.55
CA ASN C 189 -14.85 14.71 12.80
C ASN C 189 -14.69 13.45 13.64
N ARG C 190 -13.56 12.77 13.50
CA ARG C 190 -13.22 11.69 14.41
C ARG C 190 -13.00 12.26 15.79
N TYR C 191 -13.76 11.75 16.77
CA TYR C 191 -13.72 12.32 18.12
C TYR C 191 -12.39 12.08 18.81
N PHE C 192 -11.67 11.05 18.38
CA PHE C 192 -10.36 10.74 18.94
C PHE C 192 -9.27 10.85 17.89
N SER C 193 -8.10 11.33 18.30
CA SER C 193 -6.94 11.41 17.42
C SER C 193 -5.87 10.41 17.85
N ASP C 194 -6.25 9.15 17.92
CA ASP C 194 -5.31 8.08 18.28
C ASP C 194 -5.07 7.14 17.10
N THR C 195 -3.89 6.52 17.09
CA THR C 195 -3.52 5.61 16.02
C THR C 195 -4.45 4.41 15.96
N TYR C 196 -4.70 3.80 17.12
CA TYR C 196 -5.55 2.62 17.19
C TYR C 196 -6.86 2.93 17.91
N GLU C 197 -7.95 2.39 17.38
CA GLU C 197 -9.27 2.65 17.93
C GLU C 197 -10.25 1.57 17.52
N GLY C 198 -11.11 1.16 18.45
CA GLY C 198 -12.12 0.16 18.16
C GLY C 198 -12.87 -0.30 19.40
N LEU C 199 -13.97 -1.02 19.18
CA LEU C 199 -14.74 -1.60 20.26
C LEU C 199 -14.52 -3.11 20.33
N PRO C 200 -14.56 -3.68 21.54
CA PRO C 200 -14.42 -5.13 21.68
C PRO C 200 -15.50 -5.88 20.90
N THR C 201 -15.07 -6.75 19.99
CA THR C 201 -15.97 -7.46 19.09
C THR C 201 -17.03 -8.26 19.84
N ASP C 202 -16.62 -8.91 20.93
CA ASP C 202 -17.54 -9.74 21.71
C ASP C 202 -17.88 -9.10 23.04
N GLY C 203 -17.80 -7.78 23.11
CA GLY C 203 -18.17 -7.05 24.31
C GLY C 203 -17.04 -6.89 25.31
N TYR C 204 -17.19 -5.93 26.21
CA TYR C 204 -16.17 -5.65 27.22
C TYR C 204 -16.07 -6.77 28.25
N THR C 205 -17.20 -7.34 28.64
CA THR C 205 -17.25 -8.39 29.66
C THR C 205 -16.41 -9.60 29.26
N ALA C 206 -16.57 -10.05 28.02
CA ALA C 206 -15.78 -11.16 27.50
C ALA C 206 -14.30 -10.81 27.51
N TRP C 207 -13.99 -9.57 27.15
CA TRP C 207 -12.64 -9.05 27.18
C TRP C 207 -12.10 -9.07 28.60
N LEU C 208 -12.87 -8.51 29.54
CA LEU C 208 -12.46 -8.44 30.93
C LEU C 208 -12.30 -9.83 31.56
N GLN C 209 -13.18 -10.75 31.18
CA GLN C 209 -13.14 -12.10 31.73
C GLN C 209 -11.96 -12.90 31.19
N ASN C 210 -11.49 -12.54 30.00
CA ASN C 210 -10.31 -13.19 29.42
C ASN C 210 -9.03 -12.82 30.17
N MET C 211 -8.99 -11.60 30.71
CA MET C 211 -7.82 -11.13 31.43
C MET C 211 -7.69 -11.80 32.80
N ALA C 212 -8.82 -12.15 33.40
CA ALA C 212 -8.82 -12.79 34.71
C ALA C 212 -9.11 -14.28 34.59
N ALA C 213 -8.91 -14.84 33.40
CA ALA C 213 -9.26 -16.22 33.12
C ALA C 213 -8.22 -17.20 33.66
N ASP C 214 -6.98 -16.74 33.82
CA ASP C 214 -5.89 -17.60 34.25
C ASP C 214 -6.18 -18.23 35.61
N HIS C 215 -5.87 -19.51 35.74
CA HIS C 215 -6.21 -20.27 36.95
C HIS C 215 -5.44 -19.79 38.17
N ARG C 216 -4.35 -19.07 37.94
CA ARG C 216 -3.56 -18.51 39.03
C ARG C 216 -4.15 -17.20 39.52
N ILE C 217 -5.31 -16.84 38.97
CA ILE C 217 -6.02 -15.64 39.38
C ILE C 217 -7.37 -15.99 40.00
N GLU C 218 -7.51 -15.70 41.28
CA GLU C 218 -8.79 -15.91 41.96
C GLU C 218 -9.50 -14.58 42.19
N VAL C 219 -10.71 -14.47 41.66
CA VAL C 219 -11.49 -13.26 41.80
C VAL C 219 -12.66 -13.46 42.77
N ARG C 220 -12.71 -12.65 43.82
CA ARG C 220 -13.79 -12.75 44.80
C ARG C 220 -14.73 -11.55 44.69
N LEU C 221 -15.91 -11.79 44.13
CA LEU C 221 -16.90 -10.74 43.95
C LEU C 221 -17.71 -10.54 45.23
N ASN C 222 -18.34 -9.38 45.34
CA ASN C 222 -19.08 -8.99 46.53
C ASN C 222 -18.21 -9.08 47.79
N THR C 223 -16.97 -8.63 47.65
CA THR C 223 -16.01 -8.70 48.75
C THR C 223 -15.24 -7.39 48.90
N ASP C 224 -15.41 -6.73 50.04
CA ASP C 224 -14.70 -5.48 50.30
C ASP C 224 -13.35 -5.76 50.95
N TRP C 225 -12.33 -5.00 50.53
CA TRP C 225 -10.97 -5.20 51.02
C TRP C 225 -10.84 -4.88 52.51
N PHE C 226 -11.52 -3.83 52.95
CA PHE C 226 -11.41 -3.38 54.33
C PHE C 226 -12.18 -4.27 55.30
N ASP C 227 -12.83 -5.30 54.76
CA ASP C 227 -13.56 -6.25 55.59
C ASP C 227 -12.86 -7.60 55.63
N VAL C 228 -11.79 -7.74 54.86
CA VAL C 228 -11.08 -9.02 54.74
C VAL C 228 -9.57 -8.91 54.89
N ARG C 229 -9.04 -7.69 54.87
CA ARG C 229 -7.59 -7.49 54.87
C ARG C 229 -6.95 -7.95 56.17
N GLY C 230 -7.63 -7.74 57.30
CA GLY C 230 -7.11 -8.16 58.59
C GLY C 230 -7.05 -9.67 58.70
N GLN C 231 -7.89 -10.35 57.93
CA GLN C 231 -7.98 -11.80 57.95
C GLN C 231 -7.08 -12.46 56.91
N LEU C 232 -6.94 -11.82 55.76
CA LEU C 232 -6.24 -12.40 54.62
C LEU C 232 -4.73 -12.20 54.66
N ARG C 233 -4.30 -10.96 54.93
CA ARG C 233 -2.88 -10.62 54.90
C ARG C 233 -1.99 -11.47 55.82
N PRO C 234 -2.47 -11.86 57.02
CA PRO C 234 -1.63 -12.79 57.80
C PRO C 234 -1.39 -14.13 57.09
N GLY C 235 -2.33 -14.53 56.23
CA GLY C 235 -2.18 -15.77 55.49
C GLY C 235 -1.10 -15.67 54.43
N SER C 236 -0.91 -14.46 53.90
CA SER C 236 0.13 -14.19 52.92
C SER C 236 0.93 -12.95 53.35
N PRO C 237 1.87 -13.12 54.28
CA PRO C 237 2.60 -12.03 54.96
C PRO C 237 3.34 -11.11 54.00
N ALA C 238 4.24 -11.66 53.20
CA ALA C 238 5.09 -10.85 52.33
C ALA C 238 4.37 -10.34 51.09
N ALA C 239 3.17 -10.87 50.85
CA ALA C 239 2.39 -10.51 49.67
C ALA C 239 1.97 -9.04 49.68
N PRO C 240 2.41 -8.28 48.67
CA PRO C 240 2.06 -6.87 48.52
C PRO C 240 0.59 -6.66 48.21
N VAL C 241 0.13 -5.41 48.23
CA VAL C 241 -1.26 -5.10 47.95
C VAL C 241 -1.39 -3.95 46.95
N VAL C 242 -2.05 -4.20 45.83
CA VAL C 242 -2.34 -3.15 44.86
C VAL C 242 -3.78 -2.66 45.03
N TYR C 243 -3.92 -1.47 45.61
CA TYR C 243 -5.22 -0.90 45.90
C TYR C 243 -5.65 0.08 44.81
N THR C 244 -6.82 -0.17 44.22
CA THR C 244 -7.31 0.64 43.12
C THR C 244 -8.61 1.38 43.47
N GLY C 245 -9.00 1.31 44.73
CA GLY C 245 -10.19 2.01 45.19
C GLY C 245 -9.87 3.49 45.42
N PRO C 246 -10.89 4.26 45.83
CA PRO C 246 -10.73 5.69 46.13
C PRO C 246 -9.66 5.93 47.18
N LEU C 247 -8.75 6.86 46.88
CA LEU C 247 -7.60 7.11 47.74
C LEU C 247 -7.98 7.62 49.13
N ASP C 248 -8.98 8.49 49.18
CA ASP C 248 -9.41 9.06 50.45
C ASP C 248 -10.16 8.06 51.33
N ARG C 249 -10.83 7.09 50.69
CA ARG C 249 -11.57 6.08 51.44
C ARG C 249 -10.61 5.11 52.13
N TYR C 250 -9.40 5.00 51.60
CA TYR C 250 -8.39 4.12 52.17
C TYR C 250 -7.92 4.62 53.53
N PHE C 251 -7.90 5.93 53.72
CA PHE C 251 -7.49 6.52 54.98
C PHE C 251 -8.69 7.06 55.74
N ASP C 252 -9.87 6.52 55.44
CA ASP C 252 -11.12 6.88 56.10
C ASP C 252 -11.41 8.38 56.04
N TYR C 253 -10.98 9.03 54.96
CA TYR C 253 -11.17 10.47 54.76
C TYR C 253 -10.65 11.28 55.94
N ALA C 254 -9.50 10.87 56.47
CA ALA C 254 -8.93 11.49 57.66
C ALA C 254 -8.57 12.95 57.46
N GLU C 255 -7.90 13.24 56.34
CA GLU C 255 -7.49 14.61 56.04
C GLU C 255 -8.55 15.36 55.25
N GLY C 256 -9.63 14.68 54.90
CA GLY C 256 -10.73 15.30 54.17
C GLY C 256 -11.16 14.51 52.95
N ARG C 257 -12.31 14.89 52.39
CA ARG C 257 -12.84 14.21 51.22
C ARG C 257 -12.47 14.92 49.92
N LEU C 258 -12.03 14.13 48.94
CA LEU C 258 -11.64 14.66 47.64
C LEU C 258 -12.87 14.99 46.79
N GLY C 259 -12.75 16.00 45.94
CA GLY C 259 -13.84 16.41 45.08
C GLY C 259 -14.08 15.44 43.94
N TRP C 260 -15.24 14.79 43.96
CA TRP C 260 -15.60 13.82 42.92
C TRP C 260 -16.88 14.22 42.20
N ARG C 261 -17.02 13.74 40.97
CA ARG C 261 -18.26 13.89 40.22
C ARG C 261 -18.79 12.50 39.86
N THR C 262 -20.06 12.27 40.17
CA THR C 262 -20.68 10.98 39.87
C THR C 262 -21.66 11.11 38.71
N LEU C 263 -22.11 9.96 38.20
CA LEU C 263 -23.04 9.95 37.07
C LEU C 263 -24.24 9.05 37.32
N ASP C 264 -25.39 9.48 36.86
CA ASP C 264 -26.61 8.68 36.90
C ASP C 264 -27.11 8.43 35.49
N PHE C 265 -27.55 7.21 35.22
CA PHE C 265 -27.97 6.84 33.87
C PHE C 265 -29.42 6.35 33.83
N GLU C 266 -30.16 6.84 32.85
CA GLU C 266 -31.51 6.37 32.59
C GLU C 266 -31.54 5.50 31.35
N VAL C 267 -31.51 4.19 31.54
CA VAL C 267 -31.56 3.24 30.43
C VAL C 267 -33.01 3.00 30.03
N GLU C 268 -33.30 3.16 28.73
CA GLU C 268 -34.67 3.02 28.25
C GLU C 268 -34.72 2.37 26.87
N VAL C 269 -35.60 1.37 26.73
CA VAL C 269 -35.82 0.72 25.45
C VAL C 269 -37.02 1.33 24.74
N LEU C 270 -36.76 1.97 23.60
CA LEU C 270 -37.81 2.64 22.85
C LEU C 270 -38.45 1.72 21.80
N PRO C 271 -39.76 1.88 21.57
CA PRO C 271 -40.49 1.07 20.60
C PRO C 271 -40.21 1.48 19.14
N ILE C 272 -39.21 2.33 18.93
CA ILE C 272 -38.81 2.70 17.58
C ILE C 272 -37.44 2.10 17.26
N GLY C 273 -37.09 2.07 15.98
CA GLY C 273 -35.86 1.44 15.55
C GLY C 273 -34.62 2.29 15.72
N ASP C 274 -34.78 3.60 15.53
CA ASP C 274 -33.66 4.52 15.58
C ASP C 274 -34.05 5.84 16.23
N PHE C 275 -33.38 6.19 17.33
CA PHE C 275 -33.75 7.36 18.11
C PHE C 275 -33.09 8.64 17.62
N GLN C 276 -31.79 8.58 17.30
CA GLN C 276 -31.06 9.77 16.91
C GLN C 276 -30.09 9.52 15.76
N GLY C 277 -30.00 8.27 15.32
CA GLY C 277 -29.19 7.93 14.16
C GLY C 277 -27.69 8.07 14.34
N THR C 278 -27.25 8.11 15.60
CA THR C 278 -25.83 8.19 15.89
C THR C 278 -25.55 7.68 17.30
N ALA C 279 -24.29 7.35 17.57
CA ALA C 279 -23.91 6.73 18.83
C ALA C 279 -24.13 7.64 20.03
N VAL C 280 -23.53 8.82 20.00
CA VAL C 280 -23.63 9.76 21.11
C VAL C 280 -24.02 11.17 20.66
N MET C 281 -25.09 11.70 21.25
CA MET C 281 -25.52 13.05 20.95
C MET C 281 -25.38 13.96 22.17
N ASN C 282 -24.50 14.95 22.08
CA ASN C 282 -24.31 15.90 23.17
C ASN C 282 -25.40 16.96 23.20
N TYR C 283 -25.85 17.30 24.40
CA TYR C 283 -26.83 18.37 24.59
C TYR C 283 -26.21 19.53 25.35
N ASN C 284 -25.77 20.53 24.60
CA ASN C 284 -25.01 21.64 25.17
C ASN C 284 -25.89 22.73 25.79
N ASP C 285 -27.19 22.64 25.56
CA ASP C 285 -28.12 23.64 26.06
C ASP C 285 -28.59 23.33 27.47
N LEU C 286 -28.99 24.37 28.20
CA LEU C 286 -29.37 24.23 29.61
C LEU C 286 -30.86 23.91 29.78
N ASP C 287 -31.60 23.86 28.67
CA ASP C 287 -33.02 23.55 28.73
C ASP C 287 -33.25 22.05 28.81
N VAL C 288 -32.17 21.31 29.07
CA VAL C 288 -32.23 19.86 29.21
C VAL C 288 -31.30 19.42 30.34
N PRO C 289 -31.75 18.47 31.17
CA PRO C 289 -31.01 18.06 32.37
C PRO C 289 -29.82 17.14 32.09
N TYR C 290 -29.87 16.37 31.01
CA TYR C 290 -28.81 15.41 30.73
C TYR C 290 -27.72 15.99 29.84
N THR C 291 -26.48 15.51 30.04
CA THR C 291 -25.35 15.99 29.28
C THR C 291 -25.33 15.43 27.86
N ARG C 292 -25.75 14.18 27.72
CA ARG C 292 -25.74 13.52 26.41
C ARG C 292 -26.62 12.27 26.40
N ILE C 293 -26.88 11.75 25.20
CA ILE C 293 -27.68 10.55 25.03
C ILE C 293 -26.95 9.52 24.18
N HIS C 294 -26.79 8.32 24.71
CA HIS C 294 -26.13 7.25 23.98
C HIS C 294 -27.14 6.30 23.35
N GLU C 295 -26.91 5.94 22.08
CA GLU C 295 -27.73 4.91 21.44
C GLU C 295 -26.83 3.74 21.05
N PHE C 296 -26.86 2.70 21.87
CA PHE C 296 -25.87 1.62 21.81
C PHE C 296 -25.89 0.78 20.53
N ARG C 297 -26.97 0.87 19.75
CA ARG C 297 -27.05 0.08 18.53
C ARG C 297 -26.10 0.61 17.47
N HIS C 298 -25.77 1.90 17.57
CA HIS C 298 -24.88 2.53 16.60
C HIS C 298 -23.42 2.34 16.97
N PHE C 299 -23.18 1.79 18.16
CA PHE C 299 -21.83 1.46 18.58
C PHE C 299 -21.29 0.26 17.80
N HIS C 300 -22.20 -0.64 17.43
CA HIS C 300 -21.83 -1.82 16.67
C HIS C 300 -22.66 -1.94 15.40
N PRO C 301 -22.33 -1.16 14.36
CA PRO C 301 -23.05 -1.21 13.09
C PRO C 301 -22.79 -2.50 12.32
N GLU C 302 -21.74 -3.23 12.70
CA GLU C 302 -21.41 -4.48 12.03
C GLU C 302 -22.34 -5.59 12.48
N ARG C 303 -22.94 -5.41 13.65
CA ARG C 303 -23.97 -6.32 14.13
C ARG C 303 -25.34 -5.84 13.67
N ASP C 304 -26.20 -6.76 13.29
CA ASP C 304 -27.55 -6.41 12.87
C ASP C 304 -28.57 -6.70 13.97
N TYR C 305 -29.13 -5.64 14.53
CA TYR C 305 -30.14 -5.78 15.57
C TYR C 305 -31.54 -5.57 15.01
N ARG C 306 -32.55 -5.83 15.84
CA ARG C 306 -33.94 -5.63 15.45
C ARG C 306 -34.20 -4.16 15.16
N THR C 307 -35.11 -3.89 14.23
CA THR C 307 -35.37 -2.53 13.79
C THR C 307 -36.70 -1.97 14.31
N ASP C 308 -37.27 -2.66 15.29
CA ASP C 308 -38.53 -2.21 15.89
C ASP C 308 -38.31 -1.72 17.31
N LYS C 309 -37.08 -1.89 17.80
CA LYS C 309 -36.71 -1.43 19.14
C LYS C 309 -35.29 -0.89 19.18
N THR C 310 -35.04 0.02 20.10
CA THR C 310 -33.70 0.57 20.28
C THR C 310 -33.44 0.88 21.76
N VAL C 311 -32.17 0.86 22.16
CA VAL C 311 -31.81 1.12 23.54
C VAL C 311 -31.02 2.43 23.66
N ILE C 312 -31.56 3.38 24.41
CA ILE C 312 -30.88 4.64 24.64
C ILE C 312 -30.57 4.84 26.12
N MET C 313 -29.61 5.70 26.40
CA MET C 313 -29.20 5.97 27.77
C MET C 313 -28.91 7.45 28.00
N ARG C 314 -29.72 8.08 28.83
CA ARG C 314 -29.51 9.48 29.19
C ARG C 314 -28.52 9.59 30.35
N GLU C 315 -27.56 10.50 30.21
CA GLU C 315 -26.48 10.64 31.19
C GLU C 315 -26.63 11.91 32.03
N TYR C 316 -26.66 11.74 33.35
CA TYR C 316 -26.77 12.88 34.26
C TYR C 316 -25.54 13.01 35.13
N SER C 317 -25.19 14.25 35.49
CA SER C 317 -23.98 14.51 36.26
C SER C 317 -24.27 15.31 37.52
N ARG C 318 -23.70 14.86 38.64
CA ARG C 318 -23.86 15.55 39.92
C ARG C 318 -22.67 15.25 40.83
N PHE C 319 -22.62 15.93 41.98
CA PHE C 319 -21.53 15.71 42.93
C PHE C 319 -21.69 14.38 43.66
N ALA C 320 -20.59 13.64 43.74
CA ALA C 320 -20.60 12.31 44.36
C ALA C 320 -20.78 12.39 45.87
N GLU C 321 -21.87 11.81 46.36
CA GLU C 321 -22.12 11.75 47.80
C GLU C 321 -21.22 10.70 48.44
N ASP C 322 -21.38 10.50 49.74
CA ASP C 322 -20.56 9.55 50.47
C ASP C 322 -20.84 8.11 50.05
N ASP C 323 -22.08 7.85 49.66
CA ASP C 323 -22.50 6.51 49.26
C ASP C 323 -22.30 6.28 47.77
N ASP C 324 -22.24 7.37 47.01
CA ASP C 324 -22.11 7.29 45.55
C ASP C 324 -20.80 6.67 45.11
N GLU C 325 -20.75 6.27 43.85
CA GLU C 325 -19.52 5.79 43.23
C GLU C 325 -18.89 6.90 42.41
N PRO C 326 -17.62 7.20 42.66
CA PRO C 326 -16.89 8.29 41.99
C PRO C 326 -16.57 7.98 40.52
N TYR C 327 -16.85 8.93 39.64
CA TYR C 327 -16.58 8.77 38.22
C TYR C 327 -15.48 9.72 37.74
N TYR C 328 -15.65 11.01 38.02
CA TYR C 328 -14.67 12.01 37.61
C TYR C 328 -14.07 12.75 38.80
N PRO C 329 -12.74 12.86 38.83
CA PRO C 329 -12.06 13.72 39.81
C PRO C 329 -12.10 15.18 39.36
N ILE C 330 -12.53 16.07 40.25
CA ILE C 330 -12.65 17.48 39.92
C ILE C 330 -11.28 18.14 39.79
N ASN C 331 -10.38 17.80 40.71
CA ASN C 331 -9.01 18.31 40.71
C ASN C 331 -8.91 19.83 40.70
N THR C 332 -9.36 20.47 41.77
CA THR C 332 -9.19 21.90 41.95
C THR C 332 -7.94 22.16 42.79
N GLU C 333 -7.66 23.44 43.05
CA GLU C 333 -6.51 23.79 43.89
C GLU C 333 -6.67 23.25 45.30
N ALA C 334 -7.93 23.20 45.76
CA ALA C 334 -8.23 22.63 47.07
C ALA C 334 -8.07 21.11 47.04
N ASP C 335 -8.46 20.51 45.92
CA ASP C 335 -8.36 19.07 45.76
C ASP C 335 -6.92 18.62 45.61
N ARG C 336 -6.16 19.32 44.76
CA ARG C 336 -4.76 18.98 44.52
C ARG C 336 -3.92 19.17 45.78
N ALA C 337 -4.31 20.14 46.61
CA ALA C 337 -3.65 20.34 47.89
C ALA C 337 -3.95 19.17 48.82
N LEU C 338 -5.21 18.73 48.81
CA LEU C 338 -5.63 17.58 49.60
C LEU C 338 -5.03 16.29 49.02
N LEU C 339 -4.86 16.27 47.71
CA LEU C 339 -4.30 15.11 47.03
C LEU C 339 -2.84 14.88 47.43
N ALA C 340 -2.06 15.95 47.48
CA ALA C 340 -0.65 15.87 47.85
C ALA C 340 -0.48 15.29 49.25
N THR C 341 -1.43 15.57 50.14
CA THR C 341 -1.37 15.07 51.51
C THR C 341 -1.53 13.56 51.55
N TYR C 342 -2.56 13.06 50.85
CA TYR C 342 -2.84 11.64 50.81
C TYR C 342 -1.73 10.87 50.11
N ARG C 343 -1.05 11.51 49.18
CA ARG C 343 0.06 10.89 48.45
C ARG C 343 1.25 10.66 49.37
N ALA C 344 1.46 11.60 50.29
CA ALA C 344 2.49 11.46 51.33
C ALA C 344 2.12 10.29 52.24
N ARG C 345 0.82 10.16 52.50
CA ARG C 345 0.28 9.04 53.26
C ARG C 345 0.40 7.73 52.46
N ALA C 346 0.11 7.81 51.17
CA ALA C 346 0.20 6.66 50.30
C ALA C 346 1.65 6.17 50.19
N LYS C 347 2.58 7.13 50.15
CA LYS C 347 4.01 6.84 50.13
C LYS C 347 4.45 6.17 51.44
N SER C 348 3.75 6.49 52.52
CA SER C 348 4.06 5.93 53.83
C SER C 348 3.57 4.49 53.94
N GLU C 349 2.37 4.25 53.43
CA GLU C 349 1.78 2.92 53.44
C GLU C 349 2.56 1.93 52.57
N THR C 350 3.15 2.44 51.49
CA THR C 350 3.96 1.61 50.59
C THR C 350 5.21 1.09 51.30
N ALA C 351 5.76 1.90 52.19
CA ALA C 351 6.95 1.53 52.92
C ALA C 351 6.62 0.73 54.18
N SER C 352 5.51 1.06 54.81
CA SER C 352 5.17 0.47 56.11
C SER C 352 4.46 -0.88 55.99
N SER C 353 3.69 -1.08 54.93
CA SER C 353 2.88 -2.30 54.82
C SER C 353 2.74 -2.80 53.39
N LYS C 354 3.66 -2.39 52.52
CA LYS C 354 3.72 -2.87 51.14
C LYS C 354 2.41 -2.68 50.36
N VAL C 355 1.81 -1.50 50.47
CA VAL C 355 0.56 -1.22 49.79
C VAL C 355 0.75 -0.21 48.66
N LEU C 356 0.43 -0.63 47.44
CA LEU C 356 0.56 0.24 46.27
C LEU C 356 -0.75 0.92 45.93
N PHE C 357 -0.67 2.06 45.24
CA PHE C 357 -1.84 2.81 44.84
C PHE C 357 -1.83 3.12 43.35
N GLY C 358 -2.90 2.78 42.66
CA GLY C 358 -3.01 3.02 41.24
C GLY C 358 -4.44 2.96 40.75
N GLY C 359 -4.64 3.35 39.49
CA GLY C 359 -5.96 3.32 38.90
C GLY C 359 -6.63 4.68 38.86
N ARG C 360 -7.87 4.71 38.36
N ARG C 360 -7.87 4.69 38.38
CA ARG C 360 -8.62 5.95 38.26
CA ARG C 360 -8.65 5.93 38.24
C ARG C 360 -8.97 6.49 39.65
C ARG C 360 -9.07 6.47 39.61
N LEU C 361 -9.20 5.58 40.59
CA LEU C 361 -9.59 5.96 41.94
C LEU C 361 -8.40 6.01 42.89
N GLY C 362 -7.40 5.17 42.62
CA GLY C 362 -6.26 5.04 43.51
C GLY C 362 -5.31 6.22 43.47
N THR C 363 -5.37 7.00 42.39
CA THR C 363 -4.45 8.11 42.20
C THR C 363 -5.15 9.44 41.93
N TYR C 364 -6.48 9.43 42.00
CA TYR C 364 -7.28 10.63 41.79
C TYR C 364 -7.00 11.24 40.42
N GLN C 365 -7.02 10.41 39.39
CA GLN C 365 -6.65 10.85 38.05
C GLN C 365 -7.77 10.67 37.04
N TYR C 366 -7.77 11.55 36.03
CA TYR C 366 -8.71 11.46 34.92
C TYR C 366 -8.18 10.48 33.89
N LEU C 367 -8.24 9.19 34.22
CA LEU C 367 -7.63 8.15 33.39
C LEU C 367 -8.63 7.48 32.45
N ASP C 368 -8.25 7.34 31.19
CA ASP C 368 -9.01 6.55 30.24
C ASP C 368 -8.62 5.08 30.40
N MET C 369 -9.20 4.22 29.59
CA MET C 369 -8.92 2.79 29.69
C MET C 369 -7.47 2.47 29.32
N HIS C 370 -7.01 3.01 28.20
CA HIS C 370 -5.64 2.76 27.74
C HIS C 370 -4.61 3.38 28.68
N MET C 371 -4.95 4.52 29.26
CA MET C 371 -4.07 5.18 30.22
C MET C 371 -3.92 4.36 31.48
N ALA C 372 -5.03 3.77 31.93
CA ALA C 372 -5.03 2.94 33.13
C ALA C 372 -4.23 1.66 32.91
N ILE C 373 -4.39 1.05 31.74
CA ILE C 373 -3.66 -0.16 31.39
C ILE C 373 -2.17 0.12 31.29
N ALA C 374 -1.82 1.23 30.64
CA ALA C 374 -0.43 1.64 30.49
C ALA C 374 0.18 1.94 31.87
N SER C 375 -0.63 2.52 32.74
CA SER C 375 -0.19 2.82 34.10
C SER C 375 0.08 1.54 34.88
N ALA C 376 -0.78 0.55 34.70
CA ALA C 376 -0.62 -0.74 35.37
C ALA C 376 0.60 -1.48 34.85
N LEU C 377 0.87 -1.34 33.56
CA LEU C 377 2.05 -1.94 32.96
C LEU C 377 3.32 -1.28 33.50
N ASN C 378 3.24 0.03 33.73
CA ASN C 378 4.35 0.76 34.32
C ASN C 378 4.64 0.30 35.74
N MET C 379 3.58 0.22 36.55
CA MET C 379 3.71 -0.22 37.93
C MET C 379 4.26 -1.64 38.01
N TYR C 380 3.80 -2.50 37.11
CA TYR C 380 4.28 -3.87 37.06
C TYR C 380 5.77 -3.91 36.72
N ASP C 381 6.12 -3.35 35.56
CA ASP C 381 7.50 -3.38 35.07
C ASP C 381 8.51 -2.79 36.03
N ASN C 382 8.14 -1.68 36.67
CA ASN C 382 9.09 -0.91 37.47
C ASN C 382 9.05 -1.20 38.97
N VAL C 383 7.85 -1.47 39.49
CA VAL C 383 7.68 -1.64 40.93
C VAL C 383 7.41 -3.08 41.34
N LEU C 384 6.30 -3.65 40.84
CA LEU C 384 5.86 -4.96 41.28
C LEU C 384 6.77 -6.11 40.85
N ALA C 385 7.02 -6.21 39.55
CA ALA C 385 7.84 -7.31 39.02
C ALA C 385 9.26 -7.36 39.61
N PRO C 386 9.94 -6.21 39.74
CA PRO C 386 11.26 -6.30 40.38
C PRO C 386 11.18 -6.75 41.84
N HIS C 387 10.05 -6.47 42.49
CA HIS C 387 9.86 -6.84 43.89
C HIS C 387 9.55 -8.31 44.05
N LEU C 388 8.63 -8.81 43.23
CA LEU C 388 8.18 -10.20 43.33
C LEU C 388 9.21 -11.17 42.77
N ARG C 389 10.04 -10.70 41.84
CA ARG C 389 10.99 -11.57 41.17
C ARG C 389 12.41 -11.42 41.74
N ASP C 390 12.78 -10.22 42.15
CA ASP C 390 14.16 -9.96 42.56
C ASP C 390 14.25 -9.25 43.93
N GLY C 391 13.15 -9.26 44.68
CA GLY C 391 13.16 -8.76 46.04
C GLY C 391 13.43 -7.28 46.23
N VAL C 392 13.48 -6.54 45.13
CA VAL C 392 13.73 -5.10 45.16
C VAL C 392 12.60 -4.37 45.91
N PRO C 393 12.97 -3.49 46.85
CA PRO C 393 11.98 -2.70 47.60
C PRO C 393 11.10 -1.86 46.68
N LEU C 394 9.89 -1.53 47.15
CA LEU C 394 8.90 -0.84 46.33
C LEU C 394 9.30 0.60 46.00
N LEU C 395 9.73 1.33 47.02
CA LEU C 395 10.11 2.74 46.84
C LEU C 395 11.43 2.86 46.10
#